data_1E6N
#
_entry.id   1E6N
#
_cell.length_a   55.732
_cell.length_b   104.476
_cell.length_c   186.676
_cell.angle_alpha   90.00
_cell.angle_beta   90.00
_cell.angle_gamma   90.00
#
_symmetry.space_group_name_H-M   'P 21 21 21'
#
loop_
_entity.id
_entity.type
_entity.pdbx_description
1 polymer 'CHITINASE B'
2 branched 2-acetamido-2-deoxy-beta-D-glucopyranose-(1-4)-2-acetamido-2-deoxy-beta-D-glucopyranose-(1-4)-2-acetamido-2-deoxy-beta-D-glucopyranose-(1-4)-2-acetamido-2-deoxy-beta-D-glucopyranose-(1-4)-2-acetamido-2-deoxy-beta-D-glucopyranose
3 non-polymer 'SULFATE ION'
4 non-polymer GLYCEROL
5 water water
#
_entity_poly.entity_id   1
_entity_poly.type   'polypeptide(L)'
_entity_poly.pdbx_seq_one_letter_code
;MSTRKAVIGYYFIPTNQINNYTETDTSVVPFPVSNITPAKAKQLTHINFSFLDINSNLECAWDPATNDAKARDVVNRLTA
LKAHNPSLRIMFSIGGWYYSNDLGVSHANYVNAVKTPASRAKFAQSCVRIMKDYGFDGVDIDWQYPQAAEVDGFIAALQE
IRTLLNQQTITDGRQALPYQLTIAGAGGAFFLSRYYSKLAQIVAPLDYINLMTYDLAGPWEKVTNHQAALFGDAAGPTFY
NALREANLGWSWEELTRAFPSPFSLTVDAAVQQHLMMEGVPSAKIVMGVPFYGRAFKGVSGGNGGQYSSHSTPGEDPYPS
TDYWLVGCEECVRDKDPRIASYRQLEQMLQGNYGYQRLWNDKTKTPYLYHAQNGLFVTYDDAESFKYKAKYIKQQQLGGV
MFWHLGQDNRNGDLLAALDRYFNAADYDDSQLDMGTGLRYTGVGPGNLPIMTAPAYVPGTTYAQGALVSYQGYVWQTKWG
YITSAPGSDSAWLKVGRVA
;
_entity_poly.pdbx_strand_id   A,B
#
# COMPACT_ATOMS: atom_id res chain seq x y z
N THR A 3 34.05 14.99 6.07
CA THR A 3 33.59 16.31 5.53
C THR A 3 32.90 17.11 6.65
N ARG A 4 33.28 18.37 6.81
CA ARG A 4 32.74 19.20 7.87
C ARG A 4 31.22 19.19 7.94
N LYS A 5 30.66 19.10 9.16
CA LYS A 5 29.22 19.12 9.34
C LYS A 5 28.71 20.56 9.22
N ALA A 6 27.62 20.74 8.49
CA ALA A 6 27.04 22.07 8.31
C ALA A 6 26.50 22.55 9.66
N VAL A 7 26.58 23.85 9.92
CA VAL A 7 26.02 24.43 11.15
C VAL A 7 25.26 25.60 10.58
N ILE A 8 23.98 25.36 10.31
CA ILE A 8 23.13 26.35 9.68
C ILE A 8 22.28 27.19 10.60
N GLY A 9 22.63 28.46 10.75
CA GLY A 9 21.84 29.30 11.62
C GLY A 9 20.83 30.22 10.95
N TYR A 10 19.53 29.95 11.10
CA TYR A 10 18.54 30.89 10.55
C TYR A 10 18.72 32.10 11.46
N TYR A 11 18.47 33.29 10.92
CA TYR A 11 18.61 34.53 11.67
C TYR A 11 17.43 35.40 11.27
N PHE A 12 16.52 35.60 12.23
CA PHE A 12 15.31 36.37 11.96
C PHE A 12 15.33 37.80 12.51
N ILE A 13 15.07 38.76 11.63
CA ILE A 13 15.01 40.16 12.02
C ILE A 13 13.71 40.67 11.44
N PRO A 14 12.73 40.97 12.31
CA PRO A 14 11.44 41.46 11.81
C PRO A 14 11.63 42.77 11.05
N THR A 15 10.76 43.01 10.07
CA THR A 15 10.84 44.23 9.27
C THR A 15 11.01 45.53 10.05
N ASN A 16 10.34 45.69 11.19
CA ASN A 16 10.47 46.95 11.90
C ASN A 16 11.79 47.08 12.62
N GLN A 17 12.53 45.98 12.72
CA GLN A 17 13.83 46.03 13.36
C GLN A 17 14.84 46.44 12.29
N ILE A 18 14.59 46.02 11.05
CA ILE A 18 15.48 46.40 9.96
C ILE A 18 15.33 47.92 9.92
N ASN A 19 14.06 48.34 9.85
CA ASN A 19 13.67 49.73 9.77
C ASN A 19 14.11 50.64 10.92
N ASN A 20 14.48 50.08 12.05
CA ASN A 20 14.93 50.87 13.19
C ASN A 20 16.21 50.24 13.70
N TYR A 21 16.96 49.66 12.78
CA TYR A 21 18.17 48.95 13.14
C TYR A 21 19.21 49.75 13.92
N THR A 22 19.78 49.09 14.93
CA THR A 22 20.79 49.69 15.76
C THR A 22 21.51 48.62 16.56
N GLU A 23 22.81 48.78 16.70
CA GLU A 23 23.62 47.83 17.43
C GLU A 23 23.88 48.38 18.80
N THR A 24 23.06 49.32 19.25
CA THR A 24 23.32 49.89 20.56
C THR A 24 22.16 49.90 21.55
N ASP A 25 20.98 49.52 21.08
CA ASP A 25 19.82 49.50 21.97
C ASP A 25 19.05 48.18 21.86
N THR A 26 19.26 47.27 22.82
CA THR A 26 18.58 45.97 22.78
C THR A 26 17.07 46.01 22.89
N SER A 27 16.52 47.11 23.42
CA SER A 27 15.08 47.23 23.52
C SER A 27 14.49 47.39 22.11
N VAL A 28 15.31 47.84 21.17
CA VAL A 28 14.85 48.01 19.78
C VAL A 28 15.26 46.80 18.96
N VAL A 29 16.56 46.48 18.95
CA VAL A 29 17.07 45.32 18.22
C VAL A 29 17.76 44.52 19.30
N PRO A 30 17.10 43.45 19.79
CA PRO A 30 17.60 42.56 20.84
C PRO A 30 18.91 41.85 20.49
N PHE A 31 19.05 41.41 19.24
CA PHE A 31 20.26 40.69 18.83
C PHE A 31 20.79 41.26 17.52
N PRO A 32 21.57 42.35 17.58
CA PRO A 32 22.14 42.99 16.39
C PRO A 32 23.28 42.12 15.86
N VAL A 33 23.66 42.33 14.60
CA VAL A 33 24.72 41.54 13.99
C VAL A 33 26.06 41.64 14.73
N SER A 34 26.26 42.71 15.49
CA SER A 34 27.50 42.90 16.25
C SER A 34 27.66 41.80 17.28
N ASN A 35 26.57 41.13 17.62
CA ASN A 35 26.66 40.04 18.58
C ASN A 35 27.44 38.89 17.97
N ILE A 36 27.51 38.84 16.64
CA ILE A 36 28.24 37.78 15.96
C ILE A 36 29.70 38.15 15.75
N THR A 37 30.55 37.86 16.72
CA THR A 37 31.97 38.16 16.64
C THR A 37 32.70 37.24 15.64
N PRO A 38 33.94 37.58 15.29
CA PRO A 38 34.69 36.75 14.35
C PRO A 38 34.71 35.29 14.82
N ALA A 39 34.88 35.08 16.12
CA ALA A 39 34.90 33.73 16.67
C ALA A 39 33.57 33.04 16.42
N LYS A 40 32.47 33.77 16.55
CA LYS A 40 31.16 33.16 16.31
C LYS A 40 30.96 32.90 14.82
N ALA A 41 31.42 33.84 13.99
CA ALA A 41 31.29 33.67 12.55
C ALA A 41 31.99 32.38 12.14
N LYS A 42 33.09 32.06 12.82
CA LYS A 42 33.83 30.83 12.54
C LYS A 42 33.10 29.55 12.95
N GLN A 43 32.14 29.64 13.88
CA GLN A 43 31.42 28.45 14.31
C GLN A 43 30.24 28.13 13.38
N LEU A 44 29.88 29.09 12.54
CA LEU A 44 28.78 28.93 11.58
C LEU A 44 29.33 28.56 10.19
N THR A 45 28.52 27.88 9.38
CA THR A 45 28.92 27.59 8.02
C THR A 45 27.89 28.31 7.14
N HIS A 46 26.68 28.50 7.65
CA HIS A 46 25.62 29.17 6.91
C HIS A 46 24.80 30.04 7.84
N ILE A 47 24.39 31.23 7.35
CA ILE A 47 23.50 32.08 8.12
C ILE A 47 22.35 32.29 7.15
N ASN A 48 21.14 31.90 7.52
CA ASN A 48 19.98 32.06 6.65
C ASN A 48 19.17 33.31 7.07
N PHE A 49 19.44 34.44 6.44
CA PHE A 49 18.69 35.63 6.78
C PHE A 49 17.20 35.38 6.52
N SER A 50 16.39 35.60 7.55
CA SER A 50 14.95 35.36 7.49
C SER A 50 14.09 36.59 7.83
N PHE A 51 13.05 36.90 7.06
CA PHE A 51 12.59 36.16 5.88
C PHE A 51 12.27 37.14 4.73
N LEU A 52 12.38 36.64 3.50
CA LEU A 52 11.97 37.42 2.32
C LEU A 52 10.65 36.74 1.96
N ASP A 53 9.91 37.30 1.01
CA ASP A 53 8.58 36.79 0.65
C ASP A 53 8.43 36.67 -0.85
N ILE A 54 7.26 36.24 -1.30
CA ILE A 54 6.91 36.17 -2.72
C ILE A 54 5.74 37.15 -2.85
N ASN A 55 5.94 38.27 -3.56
CA ASN A 55 4.87 39.26 -3.68
C ASN A 55 3.79 38.94 -4.69
N SER A 56 2.88 39.90 -4.88
CA SER A 56 1.74 39.77 -5.79
C SER A 56 2.15 39.65 -7.27
N ASN A 57 3.34 40.13 -7.59
CA ASN A 57 3.86 40.04 -8.97
C ASN A 57 4.50 38.65 -9.14
N LEU A 58 4.39 37.83 -8.09
CA LEU A 58 4.91 36.46 -8.12
C LEU A 58 6.45 36.33 -8.22
N GLU A 59 7.16 37.28 -7.64
CA GLU A 59 8.63 37.30 -7.63
C GLU A 59 9.11 37.42 -6.17
N CYS A 60 10.35 37.00 -5.95
CA CYS A 60 10.95 37.08 -4.63
C CYS A 60 11.19 38.55 -4.33
N ALA A 61 10.86 38.98 -3.12
CA ALA A 61 11.04 40.38 -2.75
C ALA A 61 10.94 40.60 -1.26
N TRP A 62 11.54 41.67 -0.78
CA TRP A 62 11.47 41.98 0.64
C TRP A 62 10.06 42.39 0.97
N ASP A 63 9.77 42.44 2.26
CA ASP A 63 8.46 42.85 2.71
C ASP A 63 8.22 44.26 2.18
N PRO A 64 7.00 44.53 1.71
CA PRO A 64 6.61 45.84 1.15
C PRO A 64 7.01 47.03 2.03
N ALA A 65 6.88 46.86 3.34
CA ALA A 65 7.19 47.92 4.28
C ALA A 65 8.66 48.03 4.62
N THR A 66 9.54 47.35 3.89
CA THR A 66 10.96 47.42 4.26
C THR A 66 11.71 48.64 3.72
N ASN A 67 12.50 49.25 4.60
CA ASN A 67 13.34 50.37 4.21
C ASN A 67 14.56 49.72 3.52
N ASP A 68 14.63 49.82 2.19
CA ASP A 68 15.70 49.20 1.40
C ASP A 68 17.13 49.57 1.78
N ALA A 69 17.35 50.81 2.20
CA ALA A 69 18.69 51.24 2.57
C ALA A 69 19.14 50.51 3.83
N LYS A 70 18.25 50.42 4.81
CA LYS A 70 18.58 49.72 6.06
C LYS A 70 18.77 48.22 5.80
N ALA A 71 17.94 47.67 4.92
CA ALA A 71 18.04 46.26 4.59
C ALA A 71 19.44 45.97 4.05
N ARG A 72 19.86 46.74 3.05
CA ARG A 72 21.18 46.52 2.46
C ARG A 72 22.28 46.71 3.50
N ASP A 73 22.08 47.66 4.42
CA ASP A 73 23.10 47.88 5.45
C ASP A 73 23.22 46.64 6.35
N VAL A 74 22.09 46.06 6.73
CA VAL A 74 22.08 44.89 7.60
C VAL A 74 22.67 43.69 6.87
N VAL A 75 22.27 43.48 5.62
CA VAL A 75 22.81 42.37 4.85
C VAL A 75 24.34 42.52 4.70
N ASN A 76 24.79 43.75 4.44
CA ASN A 76 26.23 44.00 4.30
C ASN A 76 26.96 43.70 5.61
N ARG A 77 26.34 44.02 6.73
CA ARG A 77 26.98 43.71 8.00
C ARG A 77 27.22 42.20 8.10
N LEU A 78 26.22 41.42 7.65
CA LEU A 78 26.30 39.96 7.68
C LEU A 78 27.38 39.43 6.71
N THR A 79 27.32 39.80 5.44
CA THR A 79 28.31 39.31 4.48
C THR A 79 29.74 39.75 4.84
N ALA A 80 29.86 40.80 5.66
CA ALA A 80 31.19 41.28 6.08
C ALA A 80 31.81 40.23 6.98
N LEU A 81 30.96 39.42 7.62
CA LEU A 81 31.43 38.36 8.50
C LEU A 81 32.20 37.32 7.69
N LYS A 82 32.02 37.31 6.38
CA LYS A 82 32.73 36.33 5.54
C LYS A 82 34.24 36.52 5.60
N ALA A 83 34.66 37.71 6.00
CA ALA A 83 36.07 38.02 6.11
C ALA A 83 36.72 37.12 7.19
N HIS A 84 35.96 36.75 8.21
CA HIS A 84 36.49 35.92 9.29
C HIS A 84 36.40 34.41 9.10
N ASN A 85 35.65 33.98 8.10
CA ASN A 85 35.46 32.55 7.83
C ASN A 85 35.16 32.39 6.34
N PRO A 86 36.17 31.95 5.58
CA PRO A 86 36.11 31.73 4.13
C PRO A 86 35.08 30.70 3.65
N SER A 87 34.58 29.86 4.55
CA SER A 87 33.57 28.85 4.22
C SER A 87 32.14 29.32 4.55
N LEU A 88 32.01 30.51 5.15
CA LEU A 88 30.70 31.02 5.55
C LEU A 88 29.84 31.53 4.40
N ARG A 89 28.56 31.14 4.42
CA ARG A 89 27.62 31.59 3.40
C ARG A 89 26.45 32.32 4.05
N ILE A 90 26.10 33.48 3.52
CA ILE A 90 24.96 34.23 4.02
C ILE A 90 23.88 33.91 2.99
N MET A 91 22.89 33.12 3.38
CA MET A 91 21.80 32.75 2.49
C MET A 91 20.61 33.60 2.89
N PHE A 92 19.59 33.60 2.06
CA PHE A 92 18.37 34.28 2.47
C PHE A 92 17.28 33.23 2.34
N SER A 93 16.29 33.33 3.21
CA SER A 93 15.22 32.35 3.18
C SER A 93 13.92 33.01 2.78
N ILE A 94 13.20 32.33 1.89
CA ILE A 94 11.94 32.83 1.41
C ILE A 94 10.78 32.07 2.05
N GLY A 95 9.88 32.81 2.70
CA GLY A 95 8.72 32.17 3.28
C GLY A 95 8.59 32.33 4.78
N GLY A 96 8.69 31.20 5.48
CA GLY A 96 8.55 31.23 6.92
C GLY A 96 7.07 31.03 7.29
N TRP A 97 6.80 30.81 8.57
CA TRP A 97 5.44 30.60 9.03
C TRP A 97 4.46 31.74 8.72
N TYR A 98 4.80 32.95 9.13
CA TYR A 98 3.93 34.11 8.95
C TYR A 98 3.47 34.34 7.50
N TYR A 99 4.39 34.26 6.55
CA TYR A 99 4.05 34.46 5.15
C TYR A 99 3.41 33.29 4.43
N SER A 100 3.95 32.07 4.63
CA SER A 100 3.48 30.92 3.87
C SER A 100 2.56 29.83 4.38
N ASN A 101 2.06 29.89 5.62
CA ASN A 101 1.21 28.77 6.02
C ASN A 101 -0.09 28.82 5.22
N ASP A 102 -0.90 27.77 5.29
CA ASP A 102 -2.15 27.72 4.53
C ASP A 102 -2.98 29.01 4.65
N LEU A 103 -2.91 29.67 5.81
CA LEU A 103 -3.66 30.91 6.02
C LEU A 103 -2.76 32.12 6.11
N GLY A 104 -1.51 31.98 5.67
CA GLY A 104 -0.57 33.09 5.73
C GLY A 104 -0.91 34.27 4.86
N VAL A 105 -0.33 35.44 5.15
CA VAL A 105 -0.66 36.61 4.35
C VAL A 105 -0.31 36.53 2.86
N SER A 106 0.75 35.81 2.50
CA SER A 106 1.16 35.70 1.10
C SER A 106 0.91 34.33 0.50
N HIS A 107 0.18 33.48 1.21
CA HIS A 107 -0.02 32.13 0.72
C HIS A 107 -0.30 31.94 -0.76
N ALA A 108 -1.26 32.71 -1.29
CA ALA A 108 -1.62 32.60 -2.71
C ALA A 108 -0.45 32.89 -3.66
N ASN A 109 0.44 33.79 -3.28
CA ASN A 109 1.57 34.11 -4.15
C ASN A 109 2.46 32.90 -4.33
N TYR A 110 2.54 32.06 -3.28
CA TYR A 110 3.36 30.85 -3.33
C TYR A 110 2.72 29.84 -4.27
N VAL A 111 1.41 29.67 -4.14
CA VAL A 111 0.67 28.72 -4.97
C VAL A 111 0.76 29.12 -6.45
N ASN A 112 0.61 30.42 -6.70
CA ASN A 112 0.64 30.94 -8.07
C ASN A 112 2.02 30.93 -8.70
N ALA A 113 3.01 31.42 -7.93
CA ALA A 113 4.37 31.48 -8.42
C ALA A 113 4.83 30.19 -9.08
N VAL A 114 4.41 29.03 -8.56
CA VAL A 114 4.87 27.77 -9.14
C VAL A 114 3.96 27.10 -10.17
N LYS A 115 2.80 27.68 -10.43
CA LYS A 115 1.83 27.10 -11.36
C LYS A 115 2.25 26.79 -12.80
N THR A 116 2.84 27.75 -13.50
CA THR A 116 3.21 27.52 -14.89
C THR A 116 4.68 27.66 -15.19
N PRO A 117 5.11 27.10 -16.33
CA PRO A 117 6.53 27.20 -16.70
C PRO A 117 7.00 28.64 -16.66
N ALA A 118 6.15 29.56 -17.13
CA ALA A 118 6.50 30.97 -17.16
C ALA A 118 6.54 31.60 -15.78
N SER A 119 5.63 31.20 -14.90
CA SER A 119 5.60 31.76 -13.55
C SER A 119 6.86 31.27 -12.83
N ARG A 120 7.19 30.01 -13.06
CA ARG A 120 8.38 29.39 -12.48
C ARG A 120 9.66 30.04 -13.00
N ALA A 121 9.71 30.32 -14.30
CA ALA A 121 10.87 30.94 -14.91
C ALA A 121 11.04 32.34 -14.32
N LYS A 122 9.91 33.04 -14.21
CA LYS A 122 9.94 34.37 -13.66
C LYS A 122 10.30 34.34 -12.17
N PHE A 123 9.67 33.47 -11.38
CA PHE A 123 10.02 33.42 -9.96
C PHE A 123 11.51 33.08 -9.71
N ALA A 124 11.98 32.06 -10.41
CA ALA A 124 13.36 31.60 -10.29
C ALA A 124 14.33 32.73 -10.54
N GLN A 125 14.21 33.40 -11.68
CA GLN A 125 15.09 34.52 -12.01
C GLN A 125 15.04 35.62 -10.95
N SER A 126 13.87 35.88 -10.36
CA SER A 126 13.79 36.91 -9.33
C SER A 126 14.64 36.48 -8.12
N CYS A 127 14.73 35.16 -7.88
CA CYS A 127 15.53 34.65 -6.74
C CYS A 127 17.02 34.91 -6.95
N VAL A 128 17.50 34.58 -8.14
CA VAL A 128 18.88 34.81 -8.44
C VAL A 128 19.20 36.32 -8.45
N ARG A 129 18.29 37.14 -8.99
CA ARG A 129 18.52 38.60 -9.03
C ARG A 129 18.62 39.15 -7.62
N ILE A 130 17.69 38.76 -6.75
CA ILE A 130 17.74 39.24 -5.39
C ILE A 130 19.04 38.81 -4.73
N MET A 131 19.42 37.54 -4.94
CA MET A 131 20.65 37.01 -4.36
C MET A 131 21.86 37.84 -4.75
N LYS A 132 21.98 38.16 -6.04
CA LYS A 132 23.13 38.94 -6.52
C LYS A 132 23.06 40.39 -6.14
N ASP A 133 21.86 40.94 -6.24
CA ASP A 133 21.69 42.33 -5.94
C ASP A 133 22.01 42.66 -4.48
N TYR A 134 21.65 41.77 -3.55
CA TYR A 134 21.95 42.06 -2.15
C TYR A 134 23.25 41.45 -1.64
N GLY A 135 23.81 40.53 -2.42
CA GLY A 135 25.06 39.89 -2.04
C GLY A 135 24.93 38.60 -1.25
N PHE A 136 23.84 37.87 -1.45
CA PHE A 136 23.60 36.61 -0.76
C PHE A 136 24.38 35.47 -1.43
N ASP A 137 24.52 34.34 -0.74
CA ASP A 137 25.26 33.21 -1.24
C ASP A 137 24.43 31.99 -1.61
N GLY A 138 23.13 32.09 -1.49
CA GLY A 138 22.29 30.96 -1.82
C GLY A 138 20.86 31.29 -1.48
N VAL A 139 19.96 30.36 -1.80
CA VAL A 139 18.52 30.53 -1.56
C VAL A 139 17.96 29.37 -0.73
N ASP A 140 17.19 29.71 0.30
CA ASP A 140 16.53 28.69 1.12
C ASP A 140 15.03 28.92 0.94
N ILE A 141 14.30 27.90 0.48
CA ILE A 141 12.85 28.03 0.28
C ILE A 141 12.17 27.39 1.51
N ASP A 142 11.41 28.21 2.23
CA ASP A 142 10.71 27.80 3.44
C ASP A 142 9.20 28.00 3.30
N TRP A 143 8.60 27.23 2.42
CA TRP A 143 7.16 27.29 2.18
C TRP A 143 6.56 26.20 3.05
N GLN A 144 5.66 26.57 3.98
CA GLN A 144 5.03 25.58 4.85
C GLN A 144 3.51 25.49 4.64
N TYR A 145 3.03 24.64 3.73
CA TYR A 145 3.80 23.75 2.84
C TYR A 145 2.95 23.57 1.59
N PRO A 146 3.58 23.34 0.44
CA PRO A 146 2.74 23.15 -0.76
C PRO A 146 1.86 21.91 -0.54
N GLN A 147 0.64 21.95 -1.05
CA GLN A 147 -0.26 20.82 -0.93
C GLN A 147 0.06 19.83 -2.03
N ALA A 148 -0.42 18.61 -1.88
CA ALA A 148 -0.11 17.54 -2.85
C ALA A 148 -0.19 17.92 -4.33
N ALA A 149 -1.21 18.68 -4.70
CA ALA A 149 -1.39 19.07 -6.09
C ALA A 149 -0.35 20.08 -6.54
N GLU A 150 0.21 20.80 -5.58
CA GLU A 150 1.20 21.83 -5.84
C GLU A 150 2.64 21.35 -5.82
N VAL A 151 2.83 20.09 -5.48
CA VAL A 151 4.17 19.56 -5.37
C VAL A 151 4.94 19.51 -6.69
N ASP A 152 4.30 19.03 -7.75
CA ASP A 152 5.01 18.95 -9.03
C ASP A 152 5.51 20.30 -9.54
N GLY A 153 4.72 21.35 -9.31
CA GLY A 153 5.12 22.69 -9.72
C GLY A 153 6.26 23.18 -8.86
N PHE A 154 6.14 22.92 -7.56
CA PHE A 154 7.15 23.31 -6.57
C PHE A 154 8.48 22.63 -6.95
N ILE A 155 8.41 21.34 -7.27
CA ILE A 155 9.58 20.61 -7.67
C ILE A 155 10.20 21.27 -8.88
N ALA A 156 9.38 21.63 -9.87
CA ALA A 156 9.88 22.26 -11.09
C ALA A 156 10.50 23.60 -10.83
N ALA A 157 10.03 24.32 -9.81
CA ALA A 157 10.58 25.63 -9.50
C ALA A 157 11.97 25.48 -8.90
N LEU A 158 12.19 24.37 -8.21
CA LEU A 158 13.48 24.11 -7.55
C LEU A 158 14.51 23.69 -8.60
N GLN A 159 14.07 22.88 -9.56
CA GLN A 159 14.98 22.45 -10.60
C GLN A 159 15.34 23.68 -11.42
N GLU A 160 14.40 24.60 -11.55
CA GLU A 160 14.68 25.81 -12.29
C GLU A 160 15.69 26.70 -11.55
N ILE A 161 15.52 26.82 -10.23
CA ILE A 161 16.44 27.65 -9.45
C ILE A 161 17.85 27.03 -9.44
N ARG A 162 17.95 25.69 -9.35
CA ARG A 162 19.24 24.99 -9.39
C ARG A 162 19.98 25.37 -10.69
N THR A 163 19.31 25.19 -11.83
CA THR A 163 19.88 25.53 -13.14
C THR A 163 20.41 26.97 -13.16
N LEU A 164 19.58 27.94 -12.83
CA LEU A 164 20.04 29.33 -12.81
C LEU A 164 21.24 29.50 -11.87
N LEU A 165 21.15 28.94 -10.67
CA LEU A 165 22.24 29.03 -9.70
C LEU A 165 23.53 28.40 -10.19
N ASN A 166 23.45 27.21 -10.77
CA ASN A 166 24.64 26.55 -11.27
C ASN A 166 25.29 27.40 -12.37
N GLN A 167 24.45 28.02 -13.19
CA GLN A 167 24.93 28.89 -14.27
C GLN A 167 25.60 30.12 -13.66
N GLN A 168 25.01 30.63 -12.58
CA GLN A 168 25.56 31.79 -11.93
C GLN A 168 26.90 31.47 -11.26
N THR A 169 27.06 30.25 -10.74
CA THR A 169 28.30 29.87 -10.09
C THR A 169 29.46 29.85 -11.09
N ILE A 170 29.18 29.38 -12.29
CA ILE A 170 30.16 29.35 -13.38
C ILE A 170 30.51 30.78 -13.79
N THR A 171 29.49 31.57 -14.13
CA THR A 171 29.66 32.96 -14.53
C THR A 171 30.42 33.80 -13.49
N ASP A 172 30.30 33.46 -12.20
CA ASP A 172 31.01 34.21 -11.16
C ASP A 172 32.27 33.57 -10.63
N GLY A 173 32.71 32.48 -11.22
CA GLY A 173 33.93 31.81 -10.77
C GLY A 173 33.89 31.37 -9.31
N ARG A 174 32.70 30.98 -8.85
CA ARG A 174 32.53 30.58 -7.46
C ARG A 174 32.63 29.08 -7.19
N GLN A 175 33.46 28.36 -7.95
CA GLN A 175 33.59 26.91 -7.73
C GLN A 175 34.13 26.59 -6.35
N ALA A 176 34.80 27.56 -5.73
CA ALA A 176 35.36 27.36 -4.39
C ALA A 176 34.26 27.38 -3.32
N LEU A 177 33.11 27.96 -3.68
CA LEU A 177 31.99 28.10 -2.75
C LEU A 177 30.74 28.32 -3.62
N PRO A 178 30.26 27.26 -4.30
CA PRO A 178 29.10 27.32 -5.18
C PRO A 178 27.84 27.87 -4.51
N TYR A 179 27.05 28.59 -5.30
CA TYR A 179 25.80 29.12 -4.80
C TYR A 179 25.00 27.87 -4.42
N GLN A 180 24.19 27.98 -3.39
CA GLN A 180 23.42 26.84 -2.92
C GLN A 180 21.92 27.03 -2.87
N LEU A 181 21.23 25.90 -2.87
CA LEU A 181 19.78 25.85 -2.80
C LEU A 181 19.35 24.86 -1.72
N THR A 182 18.52 25.31 -0.80
CA THR A 182 18.02 24.43 0.26
C THR A 182 16.56 24.78 0.55
N ILE A 183 15.87 23.92 1.31
CA ILE A 183 14.51 24.20 1.74
C ILE A 183 14.42 23.75 3.18
N ALA A 184 13.38 24.21 3.86
CA ALA A 184 13.11 23.83 5.23
C ALA A 184 11.98 22.80 5.02
N GLY A 185 12.13 21.62 5.59
CA GLY A 185 11.10 20.62 5.42
C GLY A 185 10.36 20.37 6.72
N ALA A 186 9.19 19.74 6.62
CA ALA A 186 8.40 19.42 7.81
C ALA A 186 9.21 18.44 8.61
N GLY A 187 9.09 18.51 9.94
CA GLY A 187 9.82 17.61 10.81
C GLY A 187 8.90 16.63 11.51
N GLY A 188 7.66 16.59 11.05
CA GLY A 188 6.66 15.68 11.60
C GLY A 188 5.82 15.05 10.50
N ALA A 189 5.41 13.80 10.69
CA ALA A 189 4.60 13.09 9.70
C ALA A 189 3.38 13.84 9.16
N PHE A 190 2.64 14.48 10.06
CA PHE A 190 1.42 15.19 9.72
C PHE A 190 1.47 16.00 8.42
N PHE A 191 2.33 17.01 8.32
CA PHE A 191 2.40 17.78 7.09
C PHE A 191 3.39 17.22 6.05
N LEU A 192 4.38 16.46 6.51
CA LEU A 192 5.36 15.83 5.62
C LEU A 192 4.59 15.00 4.60
N SER A 193 3.45 14.44 5.01
CA SER A 193 2.65 13.60 4.11
C SER A 193 2.16 14.29 2.83
N ARG A 194 2.19 15.61 2.80
CA ARG A 194 1.76 16.36 1.62
C ARG A 194 2.66 16.11 0.42
N TYR A 195 3.97 16.10 0.64
CA TYR A 195 4.92 15.92 -0.44
C TYR A 195 5.85 14.71 -0.27
N TYR A 196 5.66 13.96 0.81
CA TYR A 196 6.50 12.81 1.10
C TYR A 196 6.75 11.86 -0.07
N SER A 197 5.71 11.48 -0.79
CA SER A 197 5.93 10.56 -1.90
C SER A 197 6.94 11.04 -2.95
N LYS A 198 7.11 12.35 -3.09
CA LYS A 198 8.04 12.86 -4.10
C LYS A 198 9.32 13.47 -3.51
N LEU A 199 9.69 12.97 -2.33
CA LEU A 199 10.89 13.44 -1.65
C LEU A 199 12.15 13.37 -2.50
N ALA A 200 12.33 12.28 -3.25
CA ALA A 200 13.53 12.15 -4.07
C ALA A 200 13.65 13.29 -5.09
N GLN A 201 12.53 13.64 -5.72
CA GLN A 201 12.56 14.72 -6.70
C GLN A 201 12.76 16.08 -6.02
N ILE A 202 12.23 16.23 -4.81
CA ILE A 202 12.35 17.48 -4.08
C ILE A 202 13.77 17.74 -3.59
N VAL A 203 14.45 16.67 -3.19
CA VAL A 203 15.81 16.73 -2.64
C VAL A 203 16.92 16.83 -3.70
N ALA A 204 16.69 16.23 -4.86
CA ALA A 204 17.67 16.23 -5.95
C ALA A 204 18.29 17.60 -6.22
N PRO A 205 17.48 18.64 -6.43
CA PRO A 205 18.10 19.95 -6.68
C PRO A 205 18.65 20.73 -5.47
N LEU A 206 18.65 20.10 -4.30
CA LEU A 206 19.09 20.80 -3.09
C LEU A 206 20.47 20.39 -2.60
N ASP A 207 21.11 21.28 -1.84
CA ASP A 207 22.39 20.96 -1.23
C ASP A 207 22.04 20.35 0.11
N TYR A 208 20.92 20.80 0.68
CA TYR A 208 20.45 20.28 1.97
C TYR A 208 18.95 20.48 2.12
N ILE A 209 18.34 19.64 2.96
CA ILE A 209 16.94 19.82 3.30
C ILE A 209 17.01 19.99 4.83
N ASN A 210 16.62 21.17 5.30
CA ASN A 210 16.66 21.48 6.73
C ASN A 210 15.37 21.01 7.40
N LEU A 211 15.44 19.90 8.14
CA LEU A 211 14.25 19.40 8.81
C LEU A 211 13.92 20.26 10.03
N MET A 212 12.72 20.79 10.08
CA MET A 212 12.31 21.59 11.21
C MET A 212 11.86 20.62 12.28
N THR A 213 12.83 19.93 12.87
CA THR A 213 12.50 18.96 13.90
C THR A 213 12.39 19.60 15.27
N TYR A 214 11.38 20.46 15.37
CA TYR A 214 11.02 21.14 16.59
C TYR A 214 9.51 21.46 16.44
N ASP A 215 8.93 22.10 17.45
CA ASP A 215 7.50 22.40 17.45
C ASP A 215 6.66 21.12 17.32
N LEU A 216 7.24 19.99 17.74
CA LEU A 216 6.52 18.72 17.69
C LEU A 216 5.47 18.74 18.80
N ALA A 217 5.53 19.73 19.68
CA ALA A 217 4.54 19.88 20.74
C ALA A 217 4.21 21.36 20.74
N GLY A 218 3.03 21.71 21.26
CA GLY A 218 2.63 23.11 21.33
C GLY A 218 1.25 23.15 21.95
N PRO A 219 0.69 24.37 22.16
CA PRO A 219 -0.65 24.50 22.75
C PRO A 219 -1.77 23.82 21.95
N TRP A 220 -1.49 23.44 20.71
CA TRP A 220 -2.47 22.79 19.85
C TRP A 220 -2.67 21.30 20.21
N GLU A 221 -1.76 20.73 21.00
CA GLU A 221 -1.89 19.34 21.43
C GLU A 221 -2.40 19.29 22.86
N LYS A 222 -3.38 18.42 23.11
CA LYS A 222 -4.01 18.31 24.44
C LYS A 222 -3.07 17.88 25.56
N VAL A 223 -2.05 17.08 25.26
CA VAL A 223 -1.10 16.66 26.29
C VAL A 223 0.27 17.34 26.08
N THR A 224 0.78 17.99 27.13
CA THR A 224 2.06 18.65 27.03
C THR A 224 3.08 17.60 26.65
N ASN A 225 4.09 18.01 25.90
CA ASN A 225 5.12 17.09 25.48
C ASN A 225 6.38 17.87 25.14
N HIS A 226 7.49 17.15 24.99
CA HIS A 226 8.76 17.77 24.62
C HIS A 226 8.55 18.20 23.16
N GLN A 227 9.08 19.34 22.77
CA GLN A 227 8.89 19.80 21.39
C GLN A 227 9.93 19.23 20.42
N ALA A 228 11.01 18.63 20.95
CA ALA A 228 12.04 18.07 20.11
C ALA A 228 12.72 16.88 20.79
N ALA A 229 11.92 15.92 21.22
CA ALA A 229 12.46 14.74 21.85
C ALA A 229 13.33 14.06 20.79
N LEU A 230 14.52 13.64 21.17
CA LEU A 230 15.41 12.96 20.22
C LEU A 230 14.89 11.55 19.97
N PHE A 231 14.52 10.88 21.07
CA PHE A 231 13.99 9.53 21.05
C PHE A 231 12.68 9.56 21.85
N GLY A 232 11.84 8.54 21.66
CA GLY A 232 10.56 8.51 22.31
C GLY A 232 10.52 7.94 23.72
N ASP A 233 9.53 8.39 24.48
CA ASP A 233 9.32 7.95 25.84
C ASP A 233 7.94 7.29 25.88
N ALA A 234 7.93 5.99 26.16
CA ALA A 234 6.70 5.20 26.21
C ALA A 234 5.59 5.84 27.01
N ALA A 235 5.92 6.66 27.99
CA ALA A 235 4.89 7.32 28.79
C ALA A 235 4.27 8.53 28.08
N GLY A 236 4.91 9.01 27.02
CA GLY A 236 4.36 10.18 26.33
C GLY A 236 3.33 9.81 25.29
N PRO A 237 2.74 10.81 24.64
CA PRO A 237 1.72 10.57 23.62
C PRO A 237 2.32 9.95 22.38
N THR A 238 1.45 9.39 21.53
CA THR A 238 1.83 8.80 20.27
C THR A 238 0.90 9.41 19.21
N PHE A 239 1.26 9.22 17.94
CA PHE A 239 0.52 9.81 16.83
C PHE A 239 0.29 8.84 15.67
N TYR A 240 -0.75 9.12 14.89
CA TYR A 240 -1.10 8.35 13.71
C TYR A 240 0.02 8.56 12.68
N ASN A 241 0.59 7.49 12.14
CA ASN A 241 1.66 7.66 11.16
C ASN A 241 1.05 7.99 9.80
N ALA A 242 0.83 9.27 9.58
CA ALA A 242 0.21 9.74 8.35
C ALA A 242 0.90 9.27 7.09
N LEU A 243 2.19 8.97 7.18
CA LEU A 243 2.94 8.55 6.01
C LEU A 243 2.45 7.25 5.39
N ARG A 244 1.81 6.39 6.16
CA ARG A 244 1.33 5.12 5.60
C ARG A 244 0.23 5.32 4.56
N GLU A 245 -0.30 6.54 4.47
CA GLU A 245 -1.36 6.83 3.51
C GLU A 245 -0.86 7.56 2.24
N ALA A 246 0.44 7.86 2.18
CA ALA A 246 0.97 8.58 1.03
C ALA A 246 0.87 7.75 -0.25
N ASN A 247 0.78 8.43 -1.38
CA ASN A 247 0.69 7.73 -2.65
C ASN A 247 2.07 7.22 -3.03
N LEU A 248 2.51 6.18 -2.33
CA LEU A 248 3.82 5.59 -2.55
C LEU A 248 3.85 4.43 -3.52
N GLY A 249 2.70 3.77 -3.69
CA GLY A 249 2.60 2.63 -4.58
C GLY A 249 3.14 1.36 -3.94
N TRP A 250 3.41 1.37 -2.63
CA TRP A 250 3.93 0.18 -1.95
C TRP A 250 2.83 -0.80 -1.55
N SER A 251 3.26 -2.01 -1.18
CA SER A 251 2.32 -3.04 -0.76
C SER A 251 2.12 -2.95 0.75
N TRP A 252 1.05 -3.55 1.23
CA TRP A 252 0.71 -3.54 2.63
C TRP A 252 1.89 -3.89 3.53
N GLU A 253 2.60 -4.97 3.19
CA GLU A 253 3.76 -5.38 3.99
C GLU A 253 4.85 -4.30 4.00
N GLU A 254 5.00 -3.60 2.89
CA GLU A 254 6.01 -2.55 2.80
C GLU A 254 5.59 -1.34 3.61
N LEU A 255 4.33 -0.95 3.48
CA LEU A 255 3.80 0.18 4.23
C LEU A 255 3.88 -0.08 5.71
N THR A 256 3.55 -1.31 6.12
CA THR A 256 3.53 -1.67 7.52
C THR A 256 4.93 -1.70 8.15
N ARG A 257 5.90 -2.25 7.44
CA ARG A 257 7.24 -2.32 8.00
C ARG A 257 7.90 -0.93 8.04
N ALA A 258 7.55 -0.09 7.07
CA ALA A 258 8.06 1.27 6.97
C ALA A 258 7.38 2.28 7.90
N PHE A 259 6.07 2.14 8.12
CA PHE A 259 5.35 3.10 8.94
C PHE A 259 4.55 2.61 10.16
N PRO A 260 5.23 2.21 11.25
CA PRO A 260 4.47 1.74 12.41
C PRO A 260 3.56 2.87 12.91
N SER A 261 2.37 2.51 13.36
CA SER A 261 1.38 3.46 13.84
C SER A 261 0.56 2.84 14.96
N PRO A 262 0.34 3.58 16.06
CA PRO A 262 0.84 4.95 16.23
C PRO A 262 2.33 4.94 16.51
N PHE A 263 2.92 6.12 16.52
CA PHE A 263 4.36 6.23 16.77
C PHE A 263 4.71 7.45 17.61
N SER A 264 5.94 7.47 18.13
CA SER A 264 6.42 8.57 18.94
C SER A 264 6.99 9.66 18.00
N LEU A 265 6.44 10.86 18.14
CA LEU A 265 6.85 12.01 17.31
C LEU A 265 8.17 12.57 17.86
N THR A 266 9.26 12.14 17.23
CA THR A 266 10.58 12.55 17.67
C THR A 266 11.47 13.02 16.53
N VAL A 267 12.59 13.64 16.88
CA VAL A 267 13.57 14.09 15.91
C VAL A 267 14.05 12.85 15.17
N ASP A 268 14.28 11.78 15.93
CA ASP A 268 14.70 10.52 15.33
C ASP A 268 13.67 9.98 14.31
N ALA A 269 12.38 10.11 14.62
CA ALA A 269 11.37 9.61 13.68
C ALA A 269 11.46 10.34 12.34
N ALA A 270 11.56 11.67 12.38
CA ALA A 270 11.64 12.44 11.14
C ALA A 270 12.87 12.12 10.32
N VAL A 271 14.03 12.01 10.96
CA VAL A 271 15.25 11.69 10.20
C VAL A 271 15.13 10.31 9.56
N GLN A 272 14.63 9.35 10.31
CA GLN A 272 14.50 8.01 9.74
C GLN A 272 13.51 8.01 8.58
N GLN A 273 12.39 8.71 8.76
CA GLN A 273 11.38 8.73 7.72
C GLN A 273 11.95 9.23 6.42
N HIS A 274 12.91 10.15 6.50
CA HIS A 274 13.54 10.66 5.30
C HIS A 274 14.53 9.68 4.71
N LEU A 275 15.27 8.97 5.57
CA LEU A 275 16.27 8.02 5.11
C LEU A 275 15.63 6.82 4.44
N MET A 276 14.38 6.56 4.79
CA MET A 276 13.66 5.42 4.24
C MET A 276 13.35 5.59 2.77
N MET A 277 13.48 6.80 2.26
CA MET A 277 13.17 7.02 0.85
C MET A 277 14.39 6.89 -0.04
N GLU A 278 14.22 6.14 -1.11
CA GLU A 278 15.28 5.96 -2.07
C GLU A 278 15.45 7.34 -2.69
N GLY A 279 16.70 7.72 -2.96
CA GLY A 279 16.97 9.02 -3.55
C GLY A 279 17.19 10.16 -2.56
N VAL A 280 17.17 9.85 -1.26
CA VAL A 280 17.39 10.86 -0.22
C VAL A 280 18.64 10.47 0.57
N PRO A 281 19.81 11.02 0.20
CA PRO A 281 21.10 10.72 0.85
C PRO A 281 21.26 11.36 2.23
N SER A 282 21.69 10.56 3.20
CA SER A 282 21.87 11.08 4.55
C SER A 282 22.65 12.40 4.55
N ALA A 283 23.68 12.48 3.72
CA ALA A 283 24.52 13.68 3.64
C ALA A 283 23.73 14.97 3.32
N LYS A 284 22.57 14.86 2.68
CA LYS A 284 21.77 16.05 2.38
C LYS A 284 20.81 16.40 3.53
N ILE A 285 20.69 15.51 4.51
CA ILE A 285 19.80 15.78 5.63
C ILE A 285 20.45 16.58 6.77
N VAL A 286 19.81 17.68 7.15
CA VAL A 286 20.26 18.53 8.25
C VAL A 286 19.18 18.50 9.34
N MET A 287 19.59 18.24 10.57
CA MET A 287 18.67 18.17 11.71
C MET A 287 18.48 19.53 12.37
N GLY A 288 17.27 20.05 12.37
CA GLY A 288 17.08 21.34 13.02
C GLY A 288 16.89 21.19 14.52
N VAL A 289 17.30 22.19 15.29
CA VAL A 289 17.10 22.15 16.75
C VAL A 289 16.61 23.56 17.05
N PRO A 290 15.82 23.73 18.11
CA PRO A 290 15.33 25.08 18.41
C PRO A 290 16.18 25.80 19.46
N PHE A 291 16.29 27.12 19.34
CA PHE A 291 17.04 27.91 20.32
C PHE A 291 16.05 28.60 21.28
N TYR A 292 14.83 28.07 21.33
CA TYR A 292 13.78 28.64 22.19
C TYR A 292 12.94 27.54 22.85
N GLY A 293 12.20 27.90 23.90
CA GLY A 293 11.34 26.91 24.55
C GLY A 293 9.86 27.25 24.41
N ARG A 294 8.99 26.29 24.69
CA ARG A 294 7.56 26.48 24.62
C ARG A 294 7.01 26.29 26.03
N ALA A 295 6.17 27.22 26.46
CA ALA A 295 5.60 27.17 27.81
C ALA A 295 4.11 26.81 27.79
N PHE A 296 3.70 25.97 28.74
CA PHE A 296 2.30 25.55 28.89
C PHE A 296 1.87 25.88 30.32
N LYS A 297 0.60 26.23 30.51
CA LYS A 297 0.11 26.53 31.86
C LYS A 297 -0.98 25.58 32.26
N GLY A 298 -1.33 25.61 33.54
CA GLY A 298 -2.38 24.76 34.04
C GLY A 298 -2.05 23.29 34.04
N VAL A 299 -0.76 22.95 34.16
CA VAL A 299 -0.37 21.56 34.15
C VAL A 299 -0.44 20.96 35.56
N SER A 300 -0.29 19.64 35.64
CA SER A 300 -0.35 18.94 36.92
C SER A 300 1.00 18.35 37.28
N GLY A 301 1.34 18.45 38.55
CA GLY A 301 2.60 17.91 39.01
C GLY A 301 2.50 16.40 38.86
N GLY A 302 3.57 15.69 39.19
CA GLY A 302 3.50 14.25 39.08
C GLY A 302 4.68 13.79 38.26
N ASN A 303 4.66 14.21 36.99
CA ASN A 303 5.73 13.86 36.09
C ASN A 303 6.40 15.15 35.65
N GLY A 304 6.49 16.08 36.59
CA GLY A 304 7.14 17.37 36.32
C GLY A 304 6.53 18.26 35.27
N GLY A 305 5.24 18.09 35.01
CA GLY A 305 4.57 18.89 34.01
C GLY A 305 4.46 18.13 32.70
N GLN A 306 5.20 17.05 32.57
CA GLN A 306 5.19 16.26 31.34
C GLN A 306 3.90 15.45 31.14
N TYR A 307 3.49 15.33 29.88
CA TYR A 307 2.33 14.54 29.49
C TYR A 307 1.06 14.85 30.28
N SER A 308 0.90 16.11 30.62
CA SER A 308 -0.27 16.51 31.38
C SER A 308 -1.19 17.35 30.53
N SER A 309 -2.45 17.45 30.95
CA SER A 309 -3.42 18.28 30.26
C SER A 309 -3.00 19.71 30.61
N HIS A 310 -3.50 20.71 29.87
CA HIS A 310 -3.10 22.10 30.13
C HIS A 310 -4.17 23.08 29.66
N SER A 311 -4.06 24.34 30.05
CA SER A 311 -5.02 25.36 29.65
C SER A 311 -4.34 26.50 28.89
N THR A 312 -3.43 26.14 27.98
CA THR A 312 -2.73 27.13 27.20
C THR A 312 -3.53 27.47 25.95
N PRO A 313 -3.73 28.76 25.66
CA PRO A 313 -4.47 29.24 24.49
C PRO A 313 -3.72 28.84 23.21
N GLY A 314 -4.44 28.41 22.18
CA GLY A 314 -3.78 28.03 20.94
C GLY A 314 -3.79 29.10 19.87
N GLU A 315 -4.58 30.15 20.09
CA GLU A 315 -4.70 31.24 19.12
C GLU A 315 -3.36 31.80 18.70
N ASP A 316 -3.26 32.14 17.41
CA ASP A 316 -2.06 32.72 16.81
C ASP A 316 -2.52 33.98 16.10
N PRO A 317 -2.04 35.15 16.53
CA PRO A 317 -1.11 35.45 17.63
C PRO A 317 -1.75 35.18 18.99
N TYR A 318 -0.97 35.40 20.06
CA TYR A 318 -1.49 35.20 21.40
C TYR A 318 -2.61 36.23 21.55
N PRO A 319 -3.74 35.84 22.17
CA PRO A 319 -4.91 36.72 22.35
C PRO A 319 -5.17 37.21 23.77
N SER A 320 -4.26 37.96 24.36
CA SER A 320 -4.48 38.43 25.72
C SER A 320 -3.31 39.25 26.22
N THR A 321 -3.46 39.88 27.38
CA THR A 321 -2.39 40.66 27.98
C THR A 321 -2.04 39.97 29.29
N ASP A 322 -2.46 38.72 29.41
CA ASP A 322 -2.18 37.93 30.58
C ASP A 322 -0.84 37.23 30.33
N TYR A 323 0.22 37.85 30.81
CA TYR A 323 1.54 37.25 30.60
C TYR A 323 1.90 36.45 31.82
N TRP A 324 1.57 35.16 31.77
CA TRP A 324 1.79 34.26 32.89
C TRP A 324 3.10 33.46 32.96
N LEU A 325 4.07 33.74 32.09
CA LEU A 325 5.35 33.01 32.17
C LEU A 325 6.14 33.78 33.21
N VAL A 326 6.21 33.23 34.42
CA VAL A 326 6.89 33.88 35.53
C VAL A 326 8.35 34.21 35.29
N GLY A 327 8.66 35.49 35.45
CA GLY A 327 10.03 35.96 35.29
C GLY A 327 10.48 36.14 33.86
N CYS A 328 9.53 36.10 32.92
CA CYS A 328 9.86 36.23 31.51
C CYS A 328 9.57 37.60 30.93
N GLU A 329 10.52 38.51 31.12
CA GLU A 329 10.37 39.87 30.61
C GLU A 329 10.18 39.88 29.09
N GLU A 330 10.93 39.05 28.39
CA GLU A 330 10.85 38.99 26.93
C GLU A 330 9.43 38.69 26.46
N CYS A 331 8.67 37.96 27.27
CA CYS A 331 7.29 37.58 26.94
C CYS A 331 6.33 38.76 26.92
N VAL A 332 6.67 39.78 27.69
CA VAL A 332 5.87 41.00 27.82
C VAL A 332 6.03 41.91 26.62
N ARG A 333 7.27 42.21 26.24
CA ARG A 333 7.44 43.08 25.10
C ARG A 333 7.01 42.41 23.80
N ASP A 334 7.15 41.09 23.69
CA ASP A 334 6.73 40.42 22.46
C ASP A 334 5.32 39.87 22.56
N LYS A 335 4.68 40.13 23.69
CA LYS A 335 3.30 39.74 23.96
C LYS A 335 2.90 38.27 23.75
N ASP A 336 3.67 37.35 24.32
CA ASP A 336 3.35 35.92 24.23
C ASP A 336 4.09 35.13 25.30
N PRO A 337 3.36 34.66 26.31
CA PRO A 337 3.99 33.90 27.38
C PRO A 337 4.27 32.45 26.98
N ARG A 338 3.81 32.05 25.79
CA ARG A 338 3.99 30.68 25.33
C ARG A 338 5.37 30.35 24.72
N ILE A 339 6.15 31.38 24.39
CA ILE A 339 7.48 31.22 23.78
C ILE A 339 8.53 32.02 24.54
N ALA A 340 9.74 31.48 24.64
CA ALA A 340 10.84 32.17 25.31
C ALA A 340 12.19 31.72 24.74
N SER A 341 13.00 32.71 24.36
CA SER A 341 14.30 32.39 23.79
C SER A 341 15.14 31.69 24.85
N TYR A 342 16.13 30.93 24.40
CA TYR A 342 16.98 30.25 25.36
C TYR A 342 17.69 31.31 26.19
N ARG A 343 17.97 32.48 25.60
CA ARG A 343 18.64 33.55 26.31
C ARG A 343 17.81 33.91 27.55
N GLN A 344 16.49 34.03 27.36
CA GLN A 344 15.62 34.37 28.47
C GLN A 344 15.44 33.20 29.47
N LEU A 345 15.21 31.99 28.97
CA LEU A 345 15.02 30.83 29.84
C LEU A 345 16.18 30.73 30.81
N GLU A 346 17.38 31.01 30.32
CA GLU A 346 18.56 30.94 31.15
C GLU A 346 18.42 31.91 32.30
N GLN A 347 17.99 33.13 31.99
CA GLN A 347 17.84 34.13 33.04
C GLN A 347 16.72 33.78 34.00
N MET A 348 15.69 33.09 33.51
CA MET A 348 14.60 32.71 34.38
C MET A 348 15.14 31.71 35.39
N LEU A 349 16.04 30.84 34.93
CA LEU A 349 16.63 29.83 35.81
C LEU A 349 17.53 30.42 36.89
N GLN A 350 18.15 31.57 36.64
CA GLN A 350 19.02 32.13 37.66
C GLN A 350 18.43 33.28 38.44
N GLY A 351 17.13 33.49 38.29
CA GLY A 351 16.48 34.55 39.01
C GLY A 351 15.61 34.06 40.17
N ASN A 352 15.81 32.81 40.59
CA ASN A 352 14.99 32.25 41.67
C ASN A 352 13.51 32.54 41.41
N TYR A 353 13.03 32.13 40.24
CA TYR A 353 11.65 32.38 39.90
C TYR A 353 10.76 31.19 40.22
N GLY A 354 11.35 30.15 40.81
CA GLY A 354 10.57 28.99 41.17
C GLY A 354 10.57 27.86 40.17
N TYR A 355 11.43 27.95 39.17
CA TYR A 355 11.53 26.91 38.16
C TYR A 355 12.52 25.86 38.61
N GLN A 356 12.27 24.61 38.25
CA GLN A 356 13.16 23.52 38.57
C GLN A 356 13.55 22.88 37.21
N ARG A 357 14.84 22.72 36.95
CA ARG A 357 15.25 22.11 35.68
C ARG A 357 15.30 20.62 35.84
N LEU A 358 14.55 19.92 34.99
CA LEU A 358 14.54 18.47 35.04
C LEU A 358 15.15 17.88 33.75
N TRP A 359 15.31 16.56 33.71
CA TRP A 359 15.87 15.91 32.53
C TRP A 359 15.21 14.56 32.29
N ASN A 360 14.81 14.32 31.04
CA ASN A 360 14.19 13.06 30.61
C ASN A 360 15.30 12.29 29.89
N ASP A 361 15.77 11.20 30.49
CA ASP A 361 16.86 10.45 29.89
C ASP A 361 16.46 9.53 28.75
N LYS A 362 15.17 9.54 28.41
CA LYS A 362 14.66 8.74 27.31
C LYS A 362 14.67 9.61 26.05
N THR A 363 14.12 10.80 26.19
CA THR A 363 14.05 11.76 25.09
C THR A 363 15.37 12.51 24.92
N LYS A 364 16.17 12.56 26.00
CA LYS A 364 17.46 13.25 26.03
C LYS A 364 17.26 14.75 25.88
N THR A 365 16.28 15.30 26.58
CA THR A 365 16.00 16.74 26.52
C THR A 365 15.58 17.24 27.90
N PRO A 366 15.90 18.51 28.21
CA PRO A 366 15.55 19.12 29.49
C PRO A 366 14.16 19.74 29.44
N TYR A 367 13.66 20.17 30.60
CA TYR A 367 12.37 20.81 30.68
C TYR A 367 12.23 21.52 32.04
N LEU A 368 11.47 22.59 32.07
CA LEU A 368 11.27 23.34 33.31
C LEU A 368 9.91 23.03 33.90
N TYR A 369 9.83 23.05 35.22
CA TYR A 369 8.56 22.82 35.88
C TYR A 369 8.47 23.88 36.97
N HIS A 370 7.31 24.50 37.08
CA HIS A 370 7.09 25.52 38.09
C HIS A 370 5.95 25.00 38.96
N ALA A 371 6.33 24.34 40.05
CA ALA A 371 5.38 23.74 40.97
C ALA A 371 4.28 24.68 41.47
N GLN A 372 4.65 25.90 41.84
CA GLN A 372 3.66 26.84 42.36
C GLN A 372 2.57 27.34 41.42
N ASN A 373 2.90 27.57 40.15
CA ASN A 373 1.90 28.06 39.21
C ASN A 373 1.48 27.05 38.14
N GLY A 374 1.94 25.81 38.26
CA GLY A 374 1.59 24.80 37.28
C GLY A 374 2.04 25.12 35.85
N LEU A 375 3.34 25.33 35.67
CA LEU A 375 3.89 25.63 34.34
C LEU A 375 4.89 24.56 33.91
N PHE A 376 4.99 24.36 32.60
CA PHE A 376 5.89 23.37 31.99
C PHE A 376 6.53 23.99 30.74
N VAL A 377 7.84 23.86 30.64
CA VAL A 377 8.54 24.42 29.50
C VAL A 377 9.44 23.37 28.87
N THR A 378 9.31 23.20 27.56
CA THR A 378 10.14 22.25 26.85
C THR A 378 11.10 23.07 26.01
N TYR A 379 12.39 22.79 26.10
CA TYR A 379 13.37 23.52 25.31
C TYR A 379 14.58 22.63 25.14
N ASP A 380 15.63 23.12 24.51
CA ASP A 380 16.87 22.37 24.30
C ASP A 380 18.06 23.12 24.87
N ASP A 381 19.15 22.42 25.20
CA ASP A 381 20.32 23.14 25.71
C ASP A 381 21.63 22.49 25.26
N ALA A 382 22.75 22.98 25.80
CA ALA A 382 24.04 22.44 25.42
C ALA A 382 24.10 20.94 25.70
N GLU A 383 23.36 20.49 26.70
CA GLU A 383 23.37 19.07 27.08
C GLU A 383 22.59 18.20 26.09
N SER A 384 21.39 18.63 25.71
CA SER A 384 20.63 17.86 24.75
C SER A 384 21.36 17.90 23.42
N PHE A 385 22.06 18.99 23.12
CA PHE A 385 22.78 19.06 21.84
C PHE A 385 23.89 18.01 21.72
N LYS A 386 24.37 17.47 22.85
CA LYS A 386 25.42 16.45 22.77
C LYS A 386 24.91 15.20 22.08
N TYR A 387 23.70 14.80 22.46
CA TYR A 387 23.08 13.60 21.91
C TYR A 387 22.71 13.81 20.48
N LYS A 388 22.15 14.98 20.19
CA LYS A 388 21.77 15.29 18.82
C LYS A 388 22.99 15.37 17.90
N ALA A 389 24.09 15.94 18.41
CA ALA A 389 25.31 16.05 17.62
C ALA A 389 25.86 14.64 17.34
N LYS A 390 25.89 13.78 18.36
CA LYS A 390 26.37 12.41 18.15
C LYS A 390 25.45 11.66 17.17
N TYR A 391 24.15 11.86 17.32
CA TYR A 391 23.16 11.25 16.43
C TYR A 391 23.49 11.68 14.99
N ILE A 392 23.77 12.96 14.78
CA ILE A 392 24.10 13.47 13.45
C ILE A 392 25.33 12.74 12.88
N LYS A 393 26.38 12.62 13.67
CA LYS A 393 27.58 11.94 13.25
C LYS A 393 27.27 10.47 12.94
N GLN A 394 26.60 9.79 13.88
CA GLN A 394 26.27 8.37 13.72
C GLN A 394 25.43 8.05 12.50
N GLN A 395 24.44 8.88 12.19
CA GLN A 395 23.57 8.64 11.03
C GLN A 395 24.18 9.23 9.76
N GLN A 396 25.35 9.83 9.87
CA GLN A 396 26.01 10.44 8.72
C GLN A 396 25.15 11.51 8.02
N LEU A 397 24.53 12.39 8.82
CA LEU A 397 23.69 13.48 8.31
C LEU A 397 24.59 14.64 7.86
N GLY A 398 23.99 15.61 7.15
CA GLY A 398 24.75 16.74 6.65
C GLY A 398 25.23 17.68 7.73
N GLY A 399 24.46 17.82 8.81
CA GLY A 399 24.81 18.72 9.88
C GLY A 399 23.58 19.15 10.66
N VAL A 400 23.67 20.27 11.35
CA VAL A 400 22.58 20.75 12.16
C VAL A 400 22.10 22.12 11.68
N MET A 401 20.87 22.45 12.01
CA MET A 401 20.32 23.75 11.63
C MET A 401 19.56 24.21 12.85
N PHE A 402 19.47 25.51 13.05
CA PHE A 402 18.73 26.01 14.20
C PHE A 402 17.92 27.27 13.99
N TRP A 403 16.82 27.35 14.74
CA TRP A 403 15.96 28.51 14.72
C TRP A 403 15.92 29.05 16.14
N HIS A 404 16.47 30.23 16.38
CA HIS A 404 17.28 30.96 15.42
C HIS A 404 18.42 31.65 16.18
N LEU A 405 19.45 32.08 15.46
CA LEU A 405 20.62 32.73 16.05
C LEU A 405 20.27 33.79 17.09
N GLY A 406 19.30 34.63 16.75
CA GLY A 406 18.89 35.73 17.62
C GLY A 406 18.41 35.32 19.00
N GLN A 407 18.25 34.03 19.22
CA GLN A 407 17.77 33.56 20.52
C GLN A 407 18.82 32.94 21.46
N ASP A 408 20.08 32.86 21.02
CA ASP A 408 21.15 32.30 21.87
C ASP A 408 21.46 33.30 22.99
N ASN A 409 22.23 32.90 24.02
CA ASN A 409 22.53 33.89 25.07
C ASN A 409 23.65 34.79 24.51
N ARG A 410 24.06 35.81 25.25
CA ARG A 410 25.07 36.72 24.74
C ARG A 410 26.44 36.07 24.48
N ASN A 411 26.86 35.14 25.33
CA ASN A 411 28.13 34.45 25.12
C ASN A 411 28.04 33.43 24.00
N GLY A 412 26.83 33.24 23.48
CA GLY A 412 26.59 32.29 22.41
C GLY A 412 26.94 30.85 22.74
N ASP A 413 26.49 30.35 23.89
CA ASP A 413 26.80 28.98 24.26
C ASP A 413 26.18 27.88 23.37
N LEU A 414 24.97 28.08 22.85
CA LEU A 414 24.33 27.04 22.04
C LEU A 414 25.08 26.84 20.74
N LEU A 415 25.36 27.93 20.03
CA LEU A 415 26.11 27.83 18.80
C LEU A 415 27.50 27.24 19.12
N ALA A 416 28.11 27.70 20.22
CA ALA A 416 29.43 27.20 20.57
C ALA A 416 29.43 25.69 20.85
N ALA A 417 28.41 25.21 21.55
CA ALA A 417 28.33 23.79 21.87
C ALA A 417 28.25 22.98 20.58
N LEU A 418 27.37 23.38 19.69
CA LEU A 418 27.21 22.68 18.41
C LEU A 418 28.55 22.59 17.69
N ASP A 419 29.25 23.70 17.61
CA ASP A 419 30.54 23.73 16.93
C ASP A 419 31.56 22.84 17.66
N ARG A 420 31.53 22.91 18.98
CA ARG A 420 32.41 22.13 19.85
C ARG A 420 32.25 20.63 19.60
N TYR A 421 31.01 20.16 19.58
CA TYR A 421 30.72 18.73 19.40
C TYR A 421 31.15 18.16 18.05
N PHE A 422 31.17 19.00 17.03
CA PHE A 422 31.59 18.55 15.72
C PHE A 422 33.08 18.76 15.47
N ASN A 423 33.65 19.82 16.01
CA ASN A 423 35.04 20.11 15.70
C ASN A 423 36.10 20.28 16.76
N ALA A 424 35.72 20.48 18.02
CA ALA A 424 36.75 20.66 19.04
C ALA A 424 37.59 19.40 19.24
N ALA A 425 38.90 19.55 19.11
CA ALA A 425 39.79 18.40 19.31
C ALA A 425 39.84 17.97 20.79
N ASP A 426 39.44 18.84 21.72
CA ASP A 426 39.46 18.43 23.12
C ASP A 426 38.13 17.90 23.66
N TYR A 427 37.21 17.61 22.76
CA TYR A 427 35.89 17.09 23.09
C TYR A 427 35.79 15.66 22.55
N ASP A 428 35.41 14.71 23.40
CA ASP A 428 35.30 13.33 22.96
C ASP A 428 33.97 12.71 23.46
N ASP A 429 33.10 12.28 22.53
CA ASP A 429 31.81 11.70 22.92
C ASP A 429 31.71 10.20 22.63
N SER A 430 32.85 9.56 22.40
CA SER A 430 32.86 8.14 22.16
C SER A 430 32.13 7.37 23.28
N GLN A 431 32.10 7.92 24.50
CA GLN A 431 31.44 7.25 25.64
C GLN A 431 30.03 7.77 25.95
N LEU A 432 29.57 8.75 25.19
CA LEU A 432 28.22 9.28 25.40
C LEU A 432 27.21 8.15 25.13
N ASP A 433 26.41 7.83 26.15
CA ASP A 433 25.41 6.76 26.05
C ASP A 433 24.10 7.31 25.49
N MET A 434 23.71 6.86 24.29
CA MET A 434 22.49 7.36 23.67
C MET A 434 21.17 6.93 24.33
N GLY A 435 21.24 6.15 25.41
CA GLY A 435 20.04 5.73 26.14
C GLY A 435 19.14 4.65 25.54
N THR A 436 17.99 4.43 26.18
CA THR A 436 17.04 3.41 25.71
C THR A 436 15.70 3.96 25.19
N GLY A 437 15.61 5.27 24.98
CA GLY A 437 14.38 5.85 24.47
C GLY A 437 13.97 5.10 23.21
N LEU A 438 12.69 5.10 22.88
CA LEU A 438 12.23 4.39 21.70
C LEU A 438 12.77 4.94 20.37
N ARG A 439 13.27 4.03 19.54
CA ARG A 439 13.82 4.33 18.23
C ARG A 439 12.76 4.06 17.18
N TYR A 440 12.70 4.88 16.13
CA TYR A 440 11.74 4.66 15.07
C TYR A 440 12.25 3.44 14.29
N THR A 441 11.52 2.33 14.38
CA THR A 441 11.91 1.08 13.77
C THR A 441 11.57 0.86 12.29
N GLY A 442 10.95 1.84 11.65
CA GLY A 442 10.58 1.68 10.25
C GLY A 442 11.73 1.38 9.29
N VAL A 443 11.44 0.68 8.20
CA VAL A 443 12.45 0.37 7.21
C VAL A 443 11.80 0.43 5.86
N GLY A 444 12.45 1.15 4.95
CA GLY A 444 11.91 1.30 3.61
C GLY A 444 12.92 1.06 2.51
N PRO A 445 12.53 1.30 1.26
CA PRO A 445 13.35 1.14 0.05
C PRO A 445 14.75 1.77 0.13
N GLY A 446 14.84 2.96 0.72
CA GLY A 446 16.11 3.66 0.78
C GLY A 446 17.05 3.36 1.93
N ASN A 447 16.67 2.45 2.82
CA ASN A 447 17.55 2.14 3.94
C ASN A 447 17.43 0.70 4.37
N LEU A 448 17.32 -0.21 3.40
CA LEU A 448 17.23 -1.63 3.68
C LEU A 448 18.59 -2.13 4.18
N PRO A 449 18.58 -3.19 4.99
CA PRO A 449 19.82 -3.78 5.53
C PRO A 449 20.63 -4.46 4.42
N ILE A 450 21.95 -4.39 4.54
CA ILE A 450 22.78 -5.05 3.55
C ILE A 450 22.65 -6.53 3.91
N MET A 451 22.55 -7.39 2.90
CA MET A 451 22.46 -8.82 3.16
C MET A 451 22.84 -9.67 1.95
N THR A 452 22.96 -10.97 2.18
CA THR A 452 23.32 -11.92 1.13
C THR A 452 22.33 -13.05 0.98
N ALA A 453 22.29 -13.63 -0.23
CA ALA A 453 21.39 -14.74 -0.51
C ALA A 453 21.77 -15.38 -1.85
N PRO A 454 21.44 -16.68 -2.01
CA PRO A 454 21.74 -17.39 -3.27
C PRO A 454 21.02 -16.69 -4.43
N ALA A 455 21.74 -16.48 -5.53
CA ALA A 455 21.12 -15.82 -6.68
C ALA A 455 19.82 -16.54 -7.05
N TYR A 456 18.89 -15.80 -7.63
CA TYR A 456 17.62 -16.37 -8.03
C TYR A 456 17.89 -17.33 -9.18
N VAL A 457 17.27 -18.51 -9.14
CA VAL A 457 17.43 -19.53 -10.16
C VAL A 457 16.11 -19.83 -10.90
N PRO A 458 15.97 -19.33 -12.13
CA PRO A 458 14.79 -19.51 -12.99
C PRO A 458 14.42 -20.98 -13.14
N GLY A 459 13.17 -21.31 -12.88
CA GLY A 459 12.74 -22.68 -12.99
C GLY A 459 12.57 -23.33 -11.63
N THR A 460 13.20 -22.75 -10.60
CA THR A 460 13.13 -23.28 -9.23
C THR A 460 11.82 -22.92 -8.53
N THR A 461 11.37 -23.83 -7.65
CA THR A 461 10.14 -23.61 -6.87
C THR A 461 10.59 -23.27 -5.46
N TYR A 462 10.15 -22.12 -4.95
CA TYR A 462 10.55 -21.70 -3.62
C TYR A 462 9.45 -21.86 -2.59
N ALA A 463 9.84 -22.34 -1.41
CA ALA A 463 8.93 -22.52 -0.29
C ALA A 463 8.81 -21.16 0.40
N GLN A 464 7.94 -21.07 1.40
CA GLN A 464 7.74 -19.82 2.14
C GLN A 464 8.98 -19.35 2.92
N GLY A 465 9.22 -18.05 2.94
CA GLY A 465 10.37 -17.53 3.67
C GLY A 465 11.72 -17.72 3.01
N ALA A 466 11.71 -18.23 1.77
CA ALA A 466 12.94 -18.45 1.02
C ALA A 466 13.56 -17.09 0.69
N LEU A 467 14.90 -17.07 0.62
CA LEU A 467 15.68 -15.86 0.33
C LEU A 467 16.55 -16.07 -0.89
N VAL A 468 16.62 -15.06 -1.74
CA VAL A 468 17.43 -15.15 -2.95
C VAL A 468 17.96 -13.77 -3.33
N SER A 469 18.95 -13.74 -4.21
CA SER A 469 19.51 -12.47 -4.68
C SER A 469 18.99 -12.21 -6.08
N TYR A 470 18.65 -10.97 -6.38
CA TYR A 470 18.13 -10.63 -7.70
C TYR A 470 18.11 -9.12 -7.86
N GLN A 471 18.56 -8.63 -9.01
CA GLN A 471 18.60 -7.19 -9.28
C GLN A 471 19.31 -6.43 -8.16
N GLY A 472 20.33 -7.06 -7.57
CA GLY A 472 21.08 -6.43 -6.48
C GLY A 472 20.32 -6.22 -5.18
N TYR A 473 19.31 -7.05 -4.96
CA TYR A 473 18.50 -6.98 -3.75
C TYR A 473 18.24 -8.40 -3.25
N VAL A 474 17.95 -8.54 -1.97
CA VAL A 474 17.62 -9.84 -1.43
C VAL A 474 16.11 -9.82 -1.26
N TRP A 475 15.43 -10.87 -1.71
CA TRP A 475 13.99 -10.93 -1.64
C TRP A 475 13.55 -12.15 -0.87
N GLN A 476 12.39 -12.01 -0.22
CA GLN A 476 11.84 -13.08 0.57
C GLN A 476 10.39 -13.36 0.18
N THR A 477 10.07 -14.63 -0.04
CA THR A 477 8.72 -15.02 -0.41
C THR A 477 7.77 -14.90 0.79
N LYS A 478 6.56 -14.44 0.54
CA LYS A 478 5.55 -14.27 1.59
C LYS A 478 4.72 -15.55 1.82
N TRP A 479 4.81 -16.51 0.90
CA TRP A 479 4.08 -17.77 1.05
C TRP A 479 4.71 -18.83 0.15
N GLY A 480 4.19 -20.06 0.23
CA GLY A 480 4.77 -21.16 -0.54
C GLY A 480 4.51 -21.38 -2.03
N TYR A 481 5.27 -22.31 -2.58
CA TYR A 481 5.20 -22.71 -3.98
C TYR A 481 5.38 -21.51 -4.92
N ILE A 482 6.46 -20.77 -4.72
CA ILE A 482 6.72 -19.61 -5.56
C ILE A 482 7.56 -20.00 -6.77
N THR A 483 6.98 -19.84 -7.94
CA THR A 483 7.65 -20.18 -9.18
C THR A 483 7.90 -18.95 -10.04
N SER A 484 7.51 -17.80 -9.53
CA SER A 484 7.72 -16.54 -10.25
C SER A 484 9.05 -15.95 -9.80
N ALA A 485 9.55 -14.97 -10.56
CA ALA A 485 10.80 -14.30 -10.25
C ALA A 485 10.53 -13.09 -9.34
N PRO A 486 11.50 -12.75 -8.46
CA PRO A 486 11.35 -11.62 -7.54
C PRO A 486 10.90 -10.32 -8.21
N GLY A 487 9.98 -9.62 -7.55
CA GLY A 487 9.47 -8.37 -8.07
C GLY A 487 8.48 -8.59 -9.19
N SER A 488 8.69 -9.69 -9.92
CA SER A 488 7.86 -10.09 -11.06
C SER A 488 6.62 -10.86 -10.58
N ASP A 489 6.23 -10.64 -9.32
CA ASP A 489 5.09 -11.32 -8.73
C ASP A 489 4.93 -10.87 -7.27
N SER A 490 3.68 -10.58 -6.89
CA SER A 490 3.38 -10.11 -5.55
C SER A 490 3.76 -11.01 -4.38
N ALA A 491 4.37 -12.16 -4.66
CA ALA A 491 4.75 -13.09 -3.60
C ALA A 491 6.06 -12.75 -2.93
N TRP A 492 6.92 -12.00 -3.62
CA TRP A 492 8.24 -11.63 -3.09
C TRP A 492 8.30 -10.27 -2.40
N LEU A 493 9.01 -10.24 -1.26
CA LEU A 493 9.21 -9.01 -0.50
C LEU A 493 10.69 -8.61 -0.51
N LYS A 494 11.00 -7.46 -1.07
CA LYS A 494 12.37 -6.98 -1.11
C LYS A 494 12.72 -6.66 0.35
N VAL A 495 13.67 -7.38 0.94
CA VAL A 495 14.03 -7.16 2.34
C VAL A 495 15.46 -6.69 2.62
N GLY A 496 16.33 -6.74 1.61
CA GLY A 496 17.71 -6.30 1.80
C GLY A 496 18.39 -5.83 0.51
N ARG A 497 19.59 -5.28 0.63
CA ARG A 497 20.31 -4.79 -0.55
C ARG A 497 21.69 -5.44 -0.73
N VAL A 498 22.22 -5.29 -1.94
CA VAL A 498 23.53 -5.84 -2.33
C VAL A 498 23.44 -7.35 -2.18
N THR B 3 -34.24 -13.96 -16.02
CA THR B 3 -33.15 -14.50 -16.89
C THR B 3 -32.47 -15.76 -16.33
N ARG B 4 -32.60 -16.84 -17.08
CA ARG B 4 -32.06 -18.14 -16.70
C ARG B 4 -30.63 -18.08 -16.20
N LYS B 5 -30.37 -18.81 -15.12
CA LYS B 5 -29.04 -18.85 -14.56
C LYS B 5 -28.23 -19.84 -15.42
N ALA B 6 -26.99 -19.52 -15.72
CA ALA B 6 -26.20 -20.44 -16.51
C ALA B 6 -25.82 -21.65 -15.66
N VAL B 7 -25.71 -22.80 -16.32
CA VAL B 7 -25.27 -24.04 -15.68
C VAL B 7 -24.17 -24.53 -16.64
N ILE B 8 -22.92 -24.22 -16.29
CA ILE B 8 -21.74 -24.53 -17.08
C ILE B 8 -20.93 -25.74 -16.58
N GLY B 9 -21.07 -26.86 -17.29
CA GLY B 9 -20.36 -28.07 -16.89
C GLY B 9 -19.13 -28.37 -17.71
N TYR B 10 -17.96 -28.33 -17.08
CA TYR B 10 -16.75 -28.68 -17.80
C TYR B 10 -16.87 -30.17 -17.99
N TYR B 11 -16.38 -30.66 -19.13
CA TYR B 11 -16.40 -32.09 -19.41
C TYR B 11 -14.96 -32.44 -19.79
N PHE B 12 -14.29 -33.22 -18.94
CA PHE B 12 -12.90 -33.59 -19.18
C PHE B 12 -12.69 -35.03 -19.63
N ILE B 13 -11.98 -35.17 -20.73
CA ILE B 13 -11.68 -36.49 -21.26
C ILE B 13 -10.25 -36.47 -21.77
N PRO B 14 -9.34 -37.17 -21.08
CA PRO B 14 -7.92 -37.26 -21.43
C PRO B 14 -7.72 -37.68 -22.88
N THR B 15 -6.58 -37.27 -23.43
CA THR B 15 -6.20 -37.63 -24.78
C THR B 15 -6.32 -39.14 -24.97
N ASN B 16 -5.85 -39.89 -23.99
CA ASN B 16 -5.89 -41.34 -24.03
C ASN B 16 -7.29 -41.92 -24.21
N GLN B 17 -8.31 -41.31 -23.60
CA GLN B 17 -9.68 -41.78 -23.73
C GLN B 17 -10.32 -41.39 -25.06
N ILE B 18 -9.86 -40.29 -25.66
CA ILE B 18 -10.39 -39.90 -26.94
C ILE B 18 -9.87 -40.87 -28.00
N ASN B 19 -8.59 -41.20 -27.91
CA ASN B 19 -7.99 -42.11 -28.88
C ASN B 19 -8.54 -43.52 -28.82
N ASN B 20 -9.14 -43.89 -27.69
CA ASN B 20 -9.73 -45.23 -27.50
C ASN B 20 -11.20 -45.14 -27.13
N TYR B 21 -11.84 -44.03 -27.52
CA TYR B 21 -13.24 -43.79 -27.19
C TYR B 21 -14.20 -44.94 -27.47
N THR B 22 -15.00 -45.26 -26.45
CA THR B 22 -16.00 -46.31 -26.56
C THR B 22 -17.08 -46.02 -25.53
N GLU B 23 -18.32 -46.37 -25.85
CA GLU B 23 -19.42 -46.12 -24.95
C GLU B 23 -19.93 -47.39 -24.30
N THR B 24 -19.24 -48.49 -24.54
CA THR B 24 -19.64 -49.79 -24.00
C THR B 24 -18.58 -50.42 -23.13
N ASP B 25 -17.71 -49.62 -22.53
CA ASP B 25 -16.67 -50.17 -21.69
C ASP B 25 -16.17 -49.17 -20.69
N THR B 26 -16.82 -49.16 -19.54
CA THR B 26 -16.51 -48.27 -18.44
C THR B 26 -15.04 -48.23 -18.00
N SER B 27 -14.34 -49.36 -18.11
CA SER B 27 -12.93 -49.42 -17.71
C SER B 27 -12.03 -48.56 -18.58
N VAL B 28 -12.45 -48.32 -19.82
CA VAL B 28 -11.68 -47.51 -20.76
C VAL B 28 -12.16 -46.05 -20.65
N VAL B 29 -13.43 -45.82 -20.96
CA VAL B 29 -14.03 -44.48 -20.85
C VAL B 29 -15.09 -44.54 -19.74
N PRO B 30 -14.72 -44.13 -18.52
CA PRO B 30 -15.63 -44.16 -17.37
C PRO B 30 -16.95 -43.41 -17.53
N PHE B 31 -16.95 -42.36 -18.34
CA PHE B 31 -18.15 -41.56 -18.53
C PHE B 31 -18.28 -41.05 -19.97
N PRO B 32 -18.72 -41.92 -20.90
CA PRO B 32 -18.88 -41.53 -22.30
C PRO B 32 -20.04 -40.57 -22.45
N VAL B 33 -20.12 -39.91 -23.59
CA VAL B 33 -21.17 -38.92 -23.83
C VAL B 33 -22.58 -39.50 -23.79
N SER B 34 -22.70 -40.81 -24.02
CA SER B 34 -23.99 -41.47 -24.02
C SER B 34 -24.67 -41.43 -22.64
N ASN B 35 -23.94 -40.98 -21.61
CA ASN B 35 -24.52 -40.87 -20.26
C ASN B 35 -25.39 -39.64 -20.20
N ILE B 36 -25.19 -38.74 -21.15
CA ILE B 36 -25.96 -37.50 -21.21
C ILE B 36 -27.13 -37.68 -22.15
N THR B 37 -28.28 -37.95 -21.53
CA THR B 37 -29.54 -38.19 -22.23
C THR B 37 -30.22 -36.87 -22.53
N PRO B 38 -31.30 -36.89 -23.32
CA PRO B 38 -32.00 -35.63 -23.63
C PRO B 38 -32.41 -34.84 -22.39
N ALA B 39 -32.88 -35.51 -21.35
CA ALA B 39 -33.28 -34.80 -20.13
C ALA B 39 -32.05 -34.11 -19.51
N LYS B 40 -30.91 -34.81 -19.50
CA LYS B 40 -29.70 -34.24 -18.93
C LYS B 40 -29.24 -33.05 -19.76
N ALA B 41 -29.42 -33.14 -21.08
CA ALA B 41 -29.03 -32.07 -22.00
C ALA B 41 -29.82 -30.81 -21.70
N LYS B 42 -31.05 -30.99 -21.24
CA LYS B 42 -31.91 -29.84 -20.93
C LYS B 42 -31.48 -29.10 -19.66
N GLN B 43 -30.74 -29.78 -18.80
CA GLN B 43 -30.30 -29.21 -17.54
C GLN B 43 -29.07 -28.31 -17.64
N LEU B 44 -28.37 -28.39 -18.77
CA LEU B 44 -27.18 -27.57 -18.97
C LEU B 44 -27.44 -26.41 -19.92
N THR B 45 -26.63 -25.36 -19.79
CA THR B 45 -26.72 -24.26 -20.73
C THR B 45 -25.39 -24.29 -21.51
N HIS B 46 -24.34 -24.81 -20.86
CA HIS B 46 -23.02 -24.90 -21.49
C HIS B 46 -22.24 -26.16 -21.08
N ILE B 47 -21.55 -26.75 -22.04
CA ILE B 47 -20.65 -27.84 -21.75
C ILE B 47 -19.30 -27.33 -22.23
N ASN B 48 -18.30 -27.31 -21.36
CA ASN B 48 -16.98 -26.86 -21.76
C ASN B 48 -16.08 -28.07 -21.99
N PHE B 49 -15.88 -28.42 -23.25
CA PHE B 49 -15.01 -29.55 -23.55
C PHE B 49 -13.58 -29.23 -23.10
N SER B 50 -12.97 -30.11 -22.30
CA SER B 50 -11.63 -29.86 -21.77
C SER B 50 -10.67 -31.00 -22.09
N PHE B 51 -9.47 -30.71 -22.60
CA PHE B 51 -8.95 -29.35 -22.88
C PHE B 51 -8.23 -29.27 -24.25
N LEU B 52 -8.24 -28.10 -24.87
CA LEU B 52 -7.44 -27.94 -26.07
C LEU B 52 -6.19 -27.23 -25.51
N ASP B 53 -5.24 -26.81 -26.34
CA ASP B 53 -4.02 -26.22 -25.81
C ASP B 53 -3.47 -25.19 -26.80
N ILE B 54 -2.30 -24.64 -26.52
CA ILE B 54 -1.64 -23.69 -27.40
C ILE B 54 -0.30 -24.36 -27.74
N ASN B 55 -0.01 -24.52 -29.04
CA ASN B 55 1.24 -25.18 -29.46
C ASN B 55 2.43 -24.24 -29.67
N SER B 56 3.58 -24.83 -29.96
CA SER B 56 4.82 -24.07 -30.16
C SER B 56 4.66 -23.09 -31.29
N ASN B 57 3.73 -23.37 -32.21
CA ASN B 57 3.49 -22.45 -33.31
C ASN B 57 2.63 -21.26 -32.82
N LEU B 58 2.28 -21.30 -31.52
CA LEU B 58 1.47 -20.29 -30.83
C LEU B 58 0.04 -20.17 -31.37
N GLU B 59 -0.55 -21.33 -31.65
CA GLU B 59 -1.91 -21.41 -32.13
C GLU B 59 -2.69 -22.38 -31.28
N CYS B 60 -3.99 -22.16 -31.21
CA CYS B 60 -4.83 -23.04 -30.45
C CYS B 60 -4.78 -24.37 -31.18
N ALA B 61 -4.62 -25.46 -30.46
CA ALA B 61 -4.56 -26.75 -31.12
C ALA B 61 -4.85 -27.89 -30.20
N TRP B 62 -5.15 -29.03 -30.79
CA TRP B 62 -5.39 -30.25 -30.02
C TRP B 62 -4.03 -30.81 -29.63
N ASP B 63 -3.99 -31.56 -28.52
CA ASP B 63 -2.77 -32.20 -28.10
C ASP B 63 -2.33 -33.03 -29.33
N PRO B 64 -1.12 -32.81 -29.82
CA PRO B 64 -0.56 -33.51 -30.99
C PRO B 64 -0.82 -35.03 -31.02
N ALA B 65 -0.93 -35.66 -29.85
CA ALA B 65 -1.16 -37.10 -29.80
C ALA B 65 -2.63 -37.48 -29.89
N THR B 66 -3.46 -36.53 -30.28
CA THR B 66 -4.87 -36.84 -30.38
C THR B 66 -5.20 -37.42 -31.77
N ASN B 67 -5.99 -38.49 -31.78
CA ASN B 67 -6.43 -39.09 -33.04
C ASN B 67 -7.49 -38.09 -33.56
N ASP B 68 -7.18 -37.38 -34.63
CA ASP B 68 -8.13 -36.40 -35.13
C ASP B 68 -9.54 -36.90 -35.50
N ALA B 69 -9.65 -38.13 -35.97
CA ALA B 69 -10.97 -38.65 -36.33
C ALA B 69 -11.78 -38.90 -35.05
N LYS B 70 -11.16 -39.52 -34.05
CA LYS B 70 -11.88 -39.80 -32.80
C LYS B 70 -12.22 -38.50 -32.04
N ALA B 71 -11.42 -37.46 -32.21
CA ALA B 71 -11.72 -36.22 -31.51
C ALA B 71 -12.96 -35.58 -32.11
N ARG B 72 -13.04 -35.57 -33.44
CA ARG B 72 -14.20 -34.99 -34.13
C ARG B 72 -15.47 -35.75 -33.73
N ASP B 73 -15.35 -37.07 -33.54
CA ASP B 73 -16.48 -37.90 -33.16
C ASP B 73 -16.98 -37.53 -31.76
N VAL B 74 -16.06 -37.47 -30.81
CA VAL B 74 -16.45 -37.12 -29.45
C VAL B 74 -17.17 -35.77 -29.44
N VAL B 75 -16.60 -34.77 -30.11
CA VAL B 75 -17.25 -33.46 -30.15
C VAL B 75 -18.64 -33.53 -30.83
N ASN B 76 -18.73 -34.36 -31.87
CA ASN B 76 -20.01 -34.52 -32.56
C ASN B 76 -21.07 -35.03 -31.57
N ARG B 77 -20.71 -36.04 -30.77
CA ARG B 77 -21.66 -36.59 -29.80
C ARG B 77 -22.14 -35.46 -28.87
N LEU B 78 -21.25 -34.55 -28.52
CA LEU B 78 -21.63 -33.43 -27.68
C LEU B 78 -22.53 -32.45 -28.45
N THR B 79 -22.12 -32.06 -29.65
CA THR B 79 -22.96 -31.11 -30.36
C THR B 79 -24.33 -31.69 -30.74
N ALA B 80 -24.43 -33.01 -30.85
CA ALA B 80 -25.72 -33.65 -31.17
C ALA B 80 -26.71 -33.35 -30.04
N LEU B 81 -26.19 -33.09 -28.84
CA LEU B 81 -27.02 -32.79 -27.68
C LEU B 81 -27.85 -31.51 -27.87
N LYS B 82 -27.37 -30.63 -28.74
CA LYS B 82 -28.04 -29.37 -29.01
C LYS B 82 -29.44 -29.54 -29.56
N ALA B 83 -29.67 -30.64 -30.26
CA ALA B 83 -30.98 -30.93 -30.82
C ALA B 83 -32.05 -31.02 -29.72
N HIS B 84 -31.62 -31.29 -28.48
CA HIS B 84 -32.54 -31.42 -27.35
C HIS B 84 -32.63 -30.21 -26.44
N ASN B 85 -31.88 -29.17 -26.78
CA ASN B 85 -31.85 -27.97 -25.99
C ASN B 85 -31.29 -26.86 -26.87
N PRO B 86 -32.18 -26.06 -27.47
CA PRO B 86 -31.81 -24.95 -28.37
C PRO B 86 -31.03 -23.82 -27.69
N SER B 87 -30.82 -23.93 -26.38
CA SER B 87 -30.06 -22.92 -25.65
C SER B 87 -28.66 -23.42 -25.33
N LEU B 88 -28.44 -24.71 -25.48
CA LEU B 88 -27.18 -25.34 -25.13
C LEU B 88 -26.00 -24.96 -26.03
N ARG B 89 -24.87 -24.63 -25.41
CA ARG B 89 -23.67 -24.30 -26.14
C ARG B 89 -22.58 -25.30 -25.82
N ILE B 90 -21.89 -25.81 -26.83
CA ILE B 90 -20.79 -26.73 -26.56
C ILE B 90 -19.50 -25.94 -26.74
N MET B 91 -18.98 -25.42 -25.63
CA MET B 91 -17.74 -24.62 -25.65
C MET B 91 -16.49 -25.52 -25.65
N PHE B 92 -15.33 -24.95 -25.96
CA PHE B 92 -14.12 -25.73 -25.81
C PHE B 92 -13.24 -24.86 -24.96
N SER B 93 -12.54 -25.49 -24.04
CA SER B 93 -11.66 -24.79 -23.13
C SER B 93 -10.18 -25.01 -23.44
N ILE B 94 -9.43 -23.91 -23.46
CA ILE B 94 -8.00 -23.94 -23.74
C ILE B 94 -7.20 -23.82 -22.45
N GLY B 95 -6.36 -24.82 -22.19
CA GLY B 95 -5.54 -24.75 -21.00
C GLY B 95 -5.72 -25.82 -19.96
N GLY B 96 -6.15 -25.39 -18.78
CA GLY B 96 -6.30 -26.31 -17.67
C GLY B 96 -5.02 -26.31 -16.85
N TRP B 97 -5.04 -27.00 -15.71
CA TRP B 97 -3.90 -27.09 -14.82
C TRP B 97 -2.67 -27.75 -15.44
N TYR B 98 -2.84 -28.88 -16.10
CA TYR B 98 -1.72 -29.61 -16.67
C TYR B 98 -0.94 -28.89 -17.77
N TYR B 99 -1.66 -28.25 -18.67
CA TYR B 99 -1.00 -27.55 -19.76
C TYR B 99 -0.48 -26.19 -19.39
N SER B 100 -1.22 -25.45 -18.57
CA SER B 100 -0.82 -24.08 -18.30
C SER B 100 -0.35 -23.61 -16.94
N ASN B 101 -0.14 -24.50 -15.97
CA ASN B 101 0.36 -24.01 -14.67
C ASN B 101 1.78 -23.48 -14.94
N ASP B 102 2.32 -22.62 -14.07
CA ASP B 102 3.67 -22.06 -14.30
C ASP B 102 4.76 -23.04 -14.80
N LEU B 103 4.73 -24.28 -14.33
CA LEU B 103 5.72 -25.26 -14.74
C LEU B 103 5.15 -26.29 -15.72
N GLY B 104 3.99 -25.98 -16.29
CA GLY B 104 3.35 -26.87 -17.24
C GLY B 104 4.12 -26.97 -18.56
N VAL B 105 3.90 -28.05 -19.29
CA VAL B 105 4.62 -28.25 -20.55
C VAL B 105 4.39 -27.18 -21.62
N SER B 106 3.20 -26.60 -21.66
CA SER B 106 2.85 -25.58 -22.67
C SER B 106 2.81 -24.15 -22.18
N HIS B 107 3.19 -23.95 -20.93
CA HIS B 107 3.17 -22.63 -20.35
C HIS B 107 3.73 -21.53 -21.24
N ALA B 108 4.97 -21.73 -21.71
CA ALA B 108 5.64 -20.75 -22.57
C ALA B 108 4.76 -20.28 -23.73
N ASN B 109 4.00 -21.20 -24.30
CA ASN B 109 3.15 -20.87 -25.44
C ASN B 109 2.04 -19.88 -25.08
N TYR B 110 1.54 -19.93 -23.86
CA TYR B 110 0.48 -18.99 -23.47
C TYR B 110 1.09 -17.60 -23.37
N VAL B 111 2.26 -17.54 -22.73
CA VAL B 111 2.94 -16.28 -22.52
C VAL B 111 3.37 -15.65 -23.85
N ASN B 112 3.91 -16.45 -24.76
CA ASN B 112 4.36 -15.89 -26.02
C ASN B 112 3.24 -15.57 -27.00
N ALA B 113 2.14 -16.30 -26.90
CA ALA B 113 1.00 -16.10 -27.78
C ALA B 113 0.32 -14.72 -27.65
N VAL B 114 0.30 -14.17 -26.44
CA VAL B 114 -0.35 -12.88 -26.19
C VAL B 114 0.62 -11.73 -26.16
N LYS B 115 1.89 -12.01 -26.46
CA LYS B 115 2.92 -10.98 -26.43
C LYS B 115 2.76 -9.75 -27.32
N THR B 116 2.38 -9.95 -28.59
CA THR B 116 2.25 -8.82 -29.50
C THR B 116 0.99 -8.82 -30.36
N PRO B 117 0.65 -7.65 -30.94
CA PRO B 117 -0.52 -7.50 -31.80
C PRO B 117 -0.66 -8.59 -32.85
N ALA B 118 0.47 -8.98 -33.43
CA ALA B 118 0.48 -10.01 -34.48
C ALA B 118 0.34 -11.44 -33.94
N SER B 119 0.99 -11.75 -32.81
CA SER B 119 0.87 -13.09 -32.24
C SER B 119 -0.54 -13.21 -31.69
N ARG B 120 -1.08 -12.12 -31.16
CA ARG B 120 -2.45 -12.13 -30.65
C ARG B 120 -3.45 -12.35 -31.80
N ALA B 121 -3.24 -11.62 -32.90
CA ALA B 121 -4.10 -11.77 -34.06
C ALA B 121 -4.03 -13.21 -34.58
N LYS B 122 -2.83 -13.75 -34.63
CA LYS B 122 -2.65 -15.13 -35.10
C LYS B 122 -3.32 -16.11 -34.13
N PHE B 123 -3.10 -15.92 -32.83
CA PHE B 123 -3.73 -16.83 -31.85
C PHE B 123 -5.25 -16.74 -31.93
N ALA B 124 -5.79 -15.53 -31.81
CA ALA B 124 -7.23 -15.35 -31.86
C ALA B 124 -7.85 -16.04 -33.08
N GLN B 125 -7.22 -15.85 -34.24
CA GLN B 125 -7.69 -16.47 -35.46
C GLN B 125 -7.73 -17.98 -35.36
N SER B 126 -6.68 -18.56 -34.79
CA SER B 126 -6.64 -20.01 -34.64
C SER B 126 -7.77 -20.43 -33.73
N CYS B 127 -8.13 -19.61 -32.74
CA CYS B 127 -9.24 -19.97 -31.85
C CYS B 127 -10.53 -20.06 -32.63
N VAL B 128 -10.86 -19.02 -33.40
CA VAL B 128 -12.09 -19.07 -34.19
C VAL B 128 -12.06 -20.24 -35.18
N ARG B 129 -10.92 -20.45 -35.83
CA ARG B 129 -10.79 -21.54 -36.80
C ARG B 129 -11.13 -22.90 -36.19
N ILE B 130 -10.53 -23.18 -35.04
CA ILE B 130 -10.78 -24.46 -34.38
C ILE B 130 -12.25 -24.54 -34.00
N MET B 131 -12.80 -23.44 -33.53
CA MET B 131 -14.20 -23.41 -33.13
C MET B 131 -15.05 -23.88 -34.32
N LYS B 132 -14.89 -23.19 -35.46
CA LYS B 132 -15.65 -23.52 -36.68
C LYS B 132 -15.27 -24.87 -37.28
N ASP B 133 -14.00 -25.22 -37.25
CA ASP B 133 -13.64 -26.48 -37.85
C ASP B 133 -14.23 -27.67 -37.14
N TYR B 134 -14.37 -27.61 -35.82
CA TYR B 134 -14.90 -28.74 -35.08
C TYR B 134 -16.37 -28.66 -34.69
N GLY B 135 -16.96 -27.46 -34.79
CA GLY B 135 -18.36 -27.31 -34.46
C GLY B 135 -18.68 -26.80 -33.06
N PHE B 136 -17.70 -26.15 -32.43
CA PHE B 136 -17.87 -25.61 -31.08
C PHE B 136 -18.68 -24.31 -31.13
N ASP B 137 -19.25 -23.95 -30.00
CA ASP B 137 -20.11 -22.76 -29.95
C ASP B 137 -19.51 -21.54 -29.30
N GLY B 138 -18.29 -21.67 -28.79
CA GLY B 138 -17.62 -20.56 -28.15
C GLY B 138 -16.28 -20.97 -27.56
N VAL B 139 -15.58 -20.03 -26.96
CA VAL B 139 -14.28 -20.28 -26.41
C VAL B 139 -14.13 -19.94 -24.93
N ASP B 140 -13.45 -20.82 -24.22
CA ASP B 140 -13.17 -20.62 -22.81
C ASP B 140 -11.67 -20.71 -22.60
N ILE B 141 -11.07 -19.68 -22.01
CA ILE B 141 -9.63 -19.72 -21.75
C ILE B 141 -9.35 -20.06 -20.28
N ASP B 142 -8.66 -21.17 -20.06
CA ASP B 142 -8.31 -21.58 -18.71
C ASP B 142 -6.79 -21.61 -18.49
N TRP B 143 -6.18 -20.44 -18.49
CA TRP B 143 -4.73 -20.35 -18.28
C TRP B 143 -4.60 -20.03 -16.81
N GLN B 144 -3.86 -20.89 -16.10
CA GLN B 144 -3.66 -20.73 -14.66
C GLN B 144 -2.16 -20.52 -14.34
N TYR B 145 -1.68 -19.26 -14.29
CA TYR B 145 -2.44 -18.02 -14.58
C TYR B 145 -1.45 -16.97 -15.10
N PRO B 146 -1.93 -16.02 -15.91
CA PRO B 146 -0.97 -15.03 -16.39
C PRO B 146 -0.44 -14.24 -15.21
N GLN B 147 0.85 -13.91 -15.25
CA GLN B 147 1.53 -13.13 -14.22
C GLN B 147 1.25 -11.67 -14.47
N ALA B 148 1.45 -10.85 -13.45
CA ALA B 148 1.19 -9.42 -13.60
C ALA B 148 1.68 -8.86 -14.94
N ALA B 149 2.92 -9.16 -15.30
CA ALA B 149 3.47 -8.64 -16.55
C ALA B 149 2.82 -9.11 -17.86
N GLU B 150 2.14 -10.26 -17.82
CA GLU B 150 1.50 -10.81 -19.02
C GLU B 150 0.03 -10.45 -19.15
N VAL B 151 -0.52 -9.79 -18.14
CA VAL B 151 -1.93 -9.45 -18.13
C VAL B 151 -2.41 -8.52 -19.24
N ASP B 152 -1.68 -7.45 -19.53
CA ASP B 152 -2.10 -6.54 -20.59
C ASP B 152 -2.17 -7.28 -21.92
N GLY B 153 -1.23 -8.20 -22.14
CA GLY B 153 -1.28 -8.95 -23.37
C GLY B 153 -2.49 -9.87 -23.37
N PHE B 154 -2.79 -10.42 -22.20
CA PHE B 154 -3.92 -11.33 -21.99
C PHE B 154 -5.18 -10.58 -22.34
N ILE B 155 -5.33 -9.41 -21.73
CA ILE B 155 -6.48 -8.57 -21.97
C ILE B 155 -6.64 -8.32 -23.45
N ALA B 156 -5.59 -7.78 -24.09
CA ALA B 156 -5.65 -7.51 -25.53
C ALA B 156 -6.02 -8.77 -26.32
N ALA B 157 -5.58 -9.95 -25.85
CA ALA B 157 -5.90 -11.19 -26.57
C ALA B 157 -7.39 -11.52 -26.47
N LEU B 158 -7.98 -11.32 -25.29
CA LEU B 158 -9.40 -11.59 -25.08
C LEU B 158 -10.24 -10.60 -25.90
N GLN B 159 -9.79 -9.35 -25.99
CA GLN B 159 -10.49 -8.33 -26.78
C GLN B 159 -10.43 -8.72 -28.27
N GLU B 160 -9.30 -9.28 -28.71
CA GLU B 160 -9.15 -9.66 -30.11
C GLU B 160 -9.95 -10.91 -30.44
N ILE B 161 -10.13 -11.80 -29.48
CA ILE B 161 -10.93 -12.95 -29.77
C ILE B 161 -12.39 -12.46 -29.82
N ARG B 162 -12.76 -11.63 -28.84
CA ARG B 162 -14.10 -11.07 -28.76
C ARG B 162 -14.52 -10.45 -30.08
N THR B 163 -13.69 -9.59 -30.64
CA THR B 163 -14.07 -8.98 -31.90
C THR B 163 -14.10 -9.99 -33.06
N LEU B 164 -13.32 -11.07 -33.00
CA LEU B 164 -13.39 -12.05 -34.09
C LEU B 164 -14.62 -12.96 -33.93
N LEU B 165 -15.02 -13.18 -32.68
CA LEU B 165 -16.20 -14.01 -32.44
C LEU B 165 -17.46 -13.27 -32.87
N ASN B 166 -17.50 -11.96 -32.59
CA ASN B 166 -18.65 -11.16 -32.96
C ASN B 166 -18.85 -11.05 -34.45
N GLN B 167 -17.74 -10.97 -35.18
CA GLN B 167 -17.79 -10.89 -36.64
C GLN B 167 -18.27 -12.23 -37.17
N GLN B 168 -17.77 -13.31 -36.57
CA GLN B 168 -18.15 -14.65 -37.00
C GLN B 168 -19.64 -14.90 -36.76
N THR B 169 -20.16 -14.29 -35.69
CA THR B 169 -21.58 -14.43 -35.38
C THR B 169 -22.40 -13.80 -36.51
N ILE B 170 -22.00 -12.61 -36.96
CA ILE B 170 -22.73 -12.00 -38.08
C ILE B 170 -22.61 -12.88 -39.31
N THR B 171 -21.37 -13.19 -39.68
CA THR B 171 -21.07 -14.00 -40.84
C THR B 171 -21.86 -15.31 -40.89
N ASP B 172 -22.06 -15.96 -39.75
CA ASP B 172 -22.80 -17.23 -39.73
C ASP B 172 -24.30 -17.13 -39.46
N GLY B 173 -24.82 -15.93 -39.31
CA GLY B 173 -26.24 -15.79 -39.01
C GLY B 173 -26.60 -16.42 -37.67
N ARG B 174 -25.68 -16.33 -36.70
CA ARG B 174 -25.90 -16.92 -35.38
C ARG B 174 -26.43 -15.97 -34.29
N GLN B 175 -27.18 -14.94 -34.69
CA GLN B 175 -27.71 -13.98 -33.73
C GLN B 175 -28.59 -14.60 -32.62
N ALA B 176 -29.35 -15.65 -32.93
CA ALA B 176 -30.19 -16.29 -31.91
C ALA B 176 -29.35 -16.99 -30.82
N LEU B 177 -28.15 -17.48 -31.18
CA LEU B 177 -27.20 -18.15 -30.27
C LEU B 177 -25.74 -17.73 -30.58
N PRO B 178 -25.37 -16.50 -30.25
CA PRO B 178 -24.03 -15.96 -30.50
C PRO B 178 -22.84 -16.72 -29.91
N TYR B 179 -21.73 -16.72 -30.65
CA TYR B 179 -20.49 -17.36 -30.21
C TYR B 179 -20.09 -16.63 -28.94
N GLN B 180 -19.65 -17.40 -27.94
CA GLN B 180 -19.29 -16.82 -26.66
C GLN B 180 -17.84 -16.99 -26.27
N LEU B 181 -17.42 -16.12 -25.36
CA LEU B 181 -16.07 -16.10 -24.82
C LEU B 181 -16.16 -16.03 -23.30
N THR B 182 -15.44 -16.93 -22.63
CA THR B 182 -15.37 -16.95 -21.16
C THR B 182 -13.97 -17.37 -20.76
N ILE B 183 -13.69 -17.28 -19.47
CA ILE B 183 -12.40 -17.73 -18.92
C ILE B 183 -12.70 -18.33 -17.56
N ALA B 184 -11.75 -19.10 -17.04
CA ALA B 184 -11.87 -19.69 -15.73
C ALA B 184 -10.98 -18.80 -14.87
N GLY B 185 -11.47 -18.34 -13.73
CA GLY B 185 -10.66 -17.49 -12.88
C GLY B 185 -10.29 -18.15 -11.57
N ALA B 186 -9.17 -17.73 -10.99
CA ALA B 186 -8.74 -18.27 -9.70
C ALA B 186 -9.87 -18.02 -8.67
N GLY B 187 -10.03 -18.95 -7.72
CA GLY B 187 -11.03 -18.80 -6.69
C GLY B 187 -10.45 -18.45 -5.33
N GLY B 188 -9.12 -18.32 -5.29
CA GLY B 188 -8.43 -18.01 -4.05
C GLY B 188 -7.57 -16.78 -4.22
N ALA B 189 -7.33 -16.06 -3.13
CA ALA B 189 -6.55 -14.83 -3.18
C ALA B 189 -5.09 -14.98 -3.67
N PHE B 190 -4.43 -16.08 -3.32
CA PHE B 190 -3.04 -16.32 -3.72
C PHE B 190 -2.73 -16.12 -5.20
N PHE B 191 -3.43 -16.83 -6.07
CA PHE B 191 -3.21 -16.68 -7.50
C PHE B 191 -4.06 -15.55 -8.09
N LEU B 192 -5.13 -15.17 -7.41
CA LEU B 192 -5.96 -14.08 -7.92
C LEU B 192 -5.17 -12.76 -7.92
N SER B 193 -4.28 -12.59 -6.94
CA SER B 193 -3.49 -11.37 -6.83
C SER B 193 -2.64 -11.08 -8.06
N ARG B 194 -2.47 -12.07 -8.93
CA ARG B 194 -1.68 -11.85 -10.14
C ARG B 194 -2.36 -10.85 -11.08
N TYR B 195 -3.66 -10.98 -11.25
CA TYR B 195 -4.38 -10.11 -12.18
C TYR B 195 -5.52 -9.30 -11.56
N TYR B 196 -5.65 -9.42 -10.25
CA TYR B 196 -6.71 -8.77 -9.54
C TYR B 196 -6.97 -7.30 -9.89
N SER B 197 -5.91 -6.49 -9.94
CA SER B 197 -6.08 -5.07 -10.21
C SER B 197 -6.66 -4.76 -11.57
N LYS B 198 -6.58 -5.70 -12.51
CA LYS B 198 -7.14 -5.44 -13.82
C LYS B 198 -8.39 -6.23 -14.14
N LEU B 199 -9.11 -6.68 -13.12
CA LEU B 199 -10.34 -7.46 -13.31
C LEU B 199 -11.36 -6.81 -14.22
N ALA B 200 -11.51 -5.49 -14.12
CA ALA B 200 -12.49 -4.82 -14.98
C ALA B 200 -12.15 -5.09 -16.45
N GLN B 201 -10.93 -4.71 -16.85
CA GLN B 201 -10.47 -4.91 -18.23
C GLN B 201 -10.60 -6.36 -18.69
N ILE B 202 -10.28 -7.29 -17.80
CA ILE B 202 -10.35 -8.70 -18.15
C ILE B 202 -11.76 -9.18 -18.43
N VAL B 203 -12.69 -8.85 -17.55
CA VAL B 203 -14.06 -9.30 -17.69
C VAL B 203 -14.88 -8.61 -18.79
N ALA B 204 -14.55 -7.36 -19.10
CA ALA B 204 -15.29 -6.61 -20.13
C ALA B 204 -15.57 -7.35 -21.43
N PRO B 205 -14.58 -8.09 -21.95
CA PRO B 205 -14.92 -8.78 -23.20
C PRO B 205 -15.56 -10.16 -23.01
N LEU B 206 -15.82 -10.53 -21.76
CA LEU B 206 -16.38 -11.84 -21.52
C LEU B 206 -17.89 -11.90 -21.30
N ASP B 207 -18.48 -13.04 -21.60
CA ASP B 207 -19.89 -13.27 -21.37
C ASP B 207 -19.96 -13.69 -19.91
N TYR B 208 -18.91 -14.39 -19.44
CA TYR B 208 -18.83 -14.88 -18.04
C TYR B 208 -17.38 -15.13 -17.58
N ILE B 209 -17.18 -15.09 -16.27
CA ILE B 209 -15.88 -15.46 -15.72
C ILE B 209 -16.23 -16.60 -14.76
N ASN B 210 -15.71 -17.80 -15.02
CA ASN B 210 -16.00 -18.96 -14.19
C ASN B 210 -15.03 -19.08 -13.01
N LEU B 211 -15.46 -18.67 -11.83
CA LEU B 211 -14.59 -18.75 -10.65
C LEU B 211 -14.38 -20.18 -10.20
N MET B 212 -13.12 -20.61 -10.13
CA MET B 212 -12.82 -21.96 -9.70
C MET B 212 -12.80 -21.98 -8.16
N THR B 213 -13.99 -21.91 -7.58
CA THR B 213 -14.10 -21.88 -6.13
C THR B 213 -14.17 -23.26 -5.49
N TYR B 214 -13.05 -23.95 -5.60
CA TYR B 214 -12.87 -25.27 -5.02
C TYR B 214 -11.35 -25.39 -4.94
N ASP B 215 -10.86 -26.49 -4.38
CA ASP B 215 -9.42 -26.65 -4.20
C ASP B 215 -8.92 -25.57 -3.22
N LEU B 216 -9.83 -25.04 -2.41
CA LEU B 216 -9.47 -24.03 -1.43
C LEU B 216 -8.75 -24.71 -0.25
N ALA B 217 -8.68 -26.04 -0.31
CA ALA B 217 -8.01 -26.82 0.71
C ALA B 217 -7.39 -27.94 -0.10
N GLY B 218 -6.30 -28.52 0.40
CA GLY B 218 -5.64 -29.58 -0.33
C GLY B 218 -4.58 -30.23 0.54
N PRO B 219 -3.97 -31.34 0.08
CA PRO B 219 -2.93 -32.05 0.85
C PRO B 219 -1.70 -31.19 1.10
N TRP B 220 -1.52 -30.16 0.28
CA TRP B 220 -0.39 -29.24 0.40
C TRP B 220 -0.47 -28.38 1.66
N GLU B 221 -1.65 -28.34 2.28
CA GLU B 221 -1.83 -27.55 3.50
C GLU B 221 -1.56 -28.38 4.75
N LYS B 222 -1.18 -27.71 5.83
CA LYS B 222 -0.85 -28.37 7.09
C LYS B 222 -2.03 -28.93 7.87
N VAL B 223 -3.21 -28.38 7.63
CA VAL B 223 -4.41 -28.78 8.33
C VAL B 223 -5.57 -29.10 7.40
N THR B 224 -6.12 -30.31 7.54
CA THR B 224 -7.25 -30.73 6.70
C THR B 224 -8.33 -29.67 6.81
N ASN B 225 -9.02 -29.40 5.70
CA ASN B 225 -10.07 -28.40 5.73
C ASN B 225 -11.06 -28.61 4.58
N HIS B 226 -12.16 -27.86 4.58
CA HIS B 226 -13.14 -27.98 3.50
C HIS B 226 -12.63 -27.27 2.25
N GLN B 227 -12.53 -28.01 1.17
CA GLN B 227 -12.06 -27.49 -0.10
C GLN B 227 -13.00 -26.48 -0.74
N ALA B 228 -14.24 -26.39 -0.27
CA ALA B 228 -15.18 -25.47 -0.88
C ALA B 228 -16.28 -24.92 0.03
N ALA B 229 -15.94 -24.58 1.27
CA ALA B 229 -16.95 -24.03 2.17
C ALA B 229 -17.61 -22.80 1.54
N LEU B 230 -18.90 -22.64 1.78
CA LEU B 230 -19.60 -21.48 1.26
C LEU B 230 -19.25 -20.34 2.20
N PHE B 231 -19.36 -20.59 3.50
CA PHE B 231 -19.03 -19.57 4.49
C PHE B 231 -17.94 -20.06 5.42
N GLY B 232 -17.35 -19.15 6.17
CA GLY B 232 -16.27 -19.51 7.07
C GLY B 232 -16.67 -20.06 8.44
N ASP B 233 -15.84 -21.00 8.90
CA ASP B 233 -15.98 -21.66 10.18
C ASP B 233 -14.90 -21.13 11.14
N ALA B 234 -15.31 -20.34 12.11
CA ALA B 234 -14.39 -19.78 13.10
C ALA B 234 -13.30 -20.74 13.61
N ALA B 235 -13.60 -22.04 13.71
CA ALA B 235 -12.62 -23.01 14.20
C ALA B 235 -11.70 -23.58 13.15
N GLY B 236 -12.03 -23.38 11.87
CA GLY B 236 -11.18 -23.90 10.81
C GLY B 236 -10.03 -22.95 10.60
N PRO B 237 -9.01 -23.34 9.83
CA PRO B 237 -7.84 -22.48 9.58
C PRO B 237 -8.14 -21.15 8.89
N THR B 238 -7.24 -20.18 9.11
CA THR B 238 -7.38 -18.85 8.50
C THR B 238 -6.13 -18.62 7.65
N PHE B 239 -6.24 -17.75 6.67
CA PHE B 239 -5.09 -17.53 5.81
C PHE B 239 -4.69 -16.09 5.58
N TYR B 240 -3.46 -15.92 5.11
CA TYR B 240 -2.88 -14.63 4.81
C TYR B 240 -3.59 -14.09 3.57
N ASN B 241 -4.18 -12.91 3.67
CA ASN B 241 -4.88 -12.37 2.53
C ASN B 241 -3.93 -11.77 1.50
N ALA B 242 -3.48 -12.60 0.56
CA ALA B 242 -2.54 -12.17 -0.47
C ALA B 242 -2.97 -10.96 -1.31
N LEU B 243 -4.26 -10.70 -1.43
CA LEU B 243 -4.69 -9.55 -2.23
C LEU B 243 -4.10 -8.22 -1.76
N ARG B 244 -3.74 -8.12 -0.48
CA ARG B 244 -3.20 -6.87 0.02
C ARG B 244 -1.77 -6.62 -0.48
N GLU B 245 -1.23 -7.59 -1.20
CA GLU B 245 0.12 -7.47 -1.74
C GLU B 245 0.05 -7.32 -3.26
N ALA B 246 -1.17 -7.20 -3.78
CA ALA B 246 -1.33 -7.06 -5.22
C ALA B 246 -0.93 -5.63 -5.65
N ASN B 247 -0.73 -5.44 -6.96
CA ASN B 247 -0.32 -4.13 -7.42
C ASN B 247 -1.51 -3.20 -7.67
N LEU B 248 -2.13 -2.79 -6.57
CA LEU B 248 -3.29 -1.93 -6.64
C LEU B 248 -2.92 -0.46 -6.52
N GLY B 249 -1.88 -0.18 -5.75
CA GLY B 249 -1.43 1.19 -5.54
C GLY B 249 -2.35 1.88 -4.54
N TRP B 250 -2.94 1.12 -3.63
CA TRP B 250 -3.87 1.67 -2.62
C TRP B 250 -3.11 2.00 -1.34
N SER B 251 -3.74 2.78 -0.47
CA SER B 251 -3.13 3.17 0.79
C SER B 251 -3.24 2.05 1.80
N TRP B 252 -2.59 2.20 2.94
CA TRP B 252 -2.68 1.17 3.97
C TRP B 252 -4.14 0.99 4.42
N GLU B 253 -4.85 2.10 4.63
CA GLU B 253 -6.24 2.02 5.09
C GLU B 253 -7.13 1.29 4.07
N GLU B 254 -7.01 1.66 2.80
CA GLU B 254 -7.79 1.04 1.75
C GLU B 254 -7.48 -0.46 1.63
N LEU B 255 -6.20 -0.83 1.69
CA LEU B 255 -5.86 -2.25 1.60
C LEU B 255 -6.41 -2.99 2.81
N THR B 256 -6.19 -2.43 3.99
CA THR B 256 -6.62 -3.09 5.20
C THR B 256 -8.13 -3.29 5.24
N ARG B 257 -8.91 -2.28 4.85
CA ARG B 257 -10.34 -2.50 4.89
C ARG B 257 -10.82 -3.50 3.84
N ALA B 258 -10.19 -3.50 2.66
CA ALA B 258 -10.60 -4.41 1.61
C ALA B 258 -10.19 -5.86 1.86
N PHE B 259 -8.98 -6.06 2.36
CA PHE B 259 -8.47 -7.40 2.56
C PHE B 259 -8.11 -7.78 3.99
N PRO B 260 -9.11 -8.04 4.84
CA PRO B 260 -8.78 -8.41 6.21
C PRO B 260 -7.95 -9.68 6.21
N SER B 261 -7.00 -9.74 7.13
CA SER B 261 -6.11 -10.88 7.22
C SER B 261 -5.77 -11.12 8.69
N PRO B 262 -5.74 -12.40 9.12
CA PRO B 262 -6.01 -13.57 8.26
C PRO B 262 -7.51 -13.65 8.01
N PHE B 263 -7.90 -14.40 6.97
CA PHE B 263 -9.31 -14.55 6.62
C PHE B 263 -9.64 -16.00 6.27
N SER B 264 -10.93 -16.27 6.12
CA SER B 264 -11.41 -17.60 5.79
C SER B 264 -11.54 -17.81 4.29
N LEU B 265 -10.77 -18.78 3.80
CA LEU B 265 -10.74 -19.15 2.39
C LEU B 265 -12.09 -19.82 2.05
N THR B 266 -12.99 -19.04 1.47
CA THR B 266 -14.30 -19.56 1.13
C THR B 266 -14.81 -19.11 -0.22
N VAL B 267 -15.84 -19.80 -0.69
CA VAL B 267 -16.48 -19.47 -1.94
C VAL B 267 -16.99 -18.04 -1.85
N ASP B 268 -17.64 -17.70 -0.73
CA ASP B 268 -18.17 -16.35 -0.52
C ASP B 268 -17.05 -15.30 -0.56
N ALA B 269 -15.87 -15.63 -0.03
CA ALA B 269 -14.77 -14.68 -0.09
C ALA B 269 -14.38 -14.38 -1.55
N ALA B 270 -14.21 -15.43 -2.36
CA ALA B 270 -13.83 -15.25 -3.76
C ALA B 270 -14.84 -14.36 -4.53
N VAL B 271 -16.12 -14.63 -4.33
CA VAL B 271 -17.15 -13.86 -4.99
C VAL B 271 -17.14 -12.39 -4.52
N GLN B 272 -17.11 -12.20 -3.19
CA GLN B 272 -17.12 -10.86 -2.64
C GLN B 272 -15.88 -10.11 -3.09
N GLN B 273 -14.73 -10.78 -3.10
CA GLN B 273 -13.50 -10.14 -3.56
C GLN B 273 -13.63 -9.63 -4.99
N HIS B 274 -14.31 -10.38 -5.86
CA HIS B 274 -14.47 -9.92 -7.24
C HIS B 274 -15.43 -8.74 -7.31
N LEU B 275 -16.45 -8.74 -6.46
CA LEU B 275 -17.42 -7.66 -6.48
C LEU B 275 -16.91 -6.35 -5.87
N MET B 276 -15.80 -6.41 -5.12
CA MET B 276 -15.22 -5.20 -4.56
C MET B 276 -14.57 -4.32 -5.64
N MET B 277 -14.29 -4.92 -6.80
CA MET B 277 -13.66 -4.18 -7.87
C MET B 277 -14.66 -3.51 -8.82
N GLU B 278 -14.51 -2.21 -9.00
CA GLU B 278 -15.39 -1.49 -9.91
C GLU B 278 -15.33 -2.10 -11.31
N GLY B 279 -16.49 -2.15 -11.98
CA GLY B 279 -16.53 -2.67 -13.33
C GLY B 279 -16.68 -4.17 -13.49
N VAL B 280 -16.94 -4.87 -12.40
CA VAL B 280 -17.13 -6.32 -12.45
C VAL B 280 -18.58 -6.56 -12.09
N PRO B 281 -19.44 -6.74 -13.11
CA PRO B 281 -20.87 -6.96 -12.89
C PRO B 281 -21.16 -8.36 -12.34
N SER B 282 -21.98 -8.45 -11.29
CA SER B 282 -22.32 -9.71 -10.67
C SER B 282 -22.89 -10.70 -11.68
N ALA B 283 -23.65 -10.20 -12.64
CA ALA B 283 -24.26 -11.08 -13.64
C ALA B 283 -23.24 -11.80 -14.51
N LYS B 284 -22.00 -11.33 -14.51
CA LYS B 284 -20.97 -12.00 -15.30
C LYS B 284 -20.25 -13.05 -14.49
N ILE B 285 -20.42 -13.03 -13.16
CA ILE B 285 -19.73 -13.99 -12.30
C ILE B 285 -20.42 -15.35 -12.20
N VAL B 286 -19.68 -16.43 -12.44
CA VAL B 286 -20.23 -17.78 -12.35
C VAL B 286 -19.50 -18.52 -11.23
N MET B 287 -20.27 -19.08 -10.29
CA MET B 287 -19.69 -19.81 -9.17
C MET B 287 -19.40 -21.26 -9.52
N GLY B 288 -18.14 -21.65 -9.40
CA GLY B 288 -17.78 -23.02 -9.69
C GLY B 288 -17.98 -23.89 -8.45
N VAL B 289 -18.30 -25.16 -8.68
CA VAL B 289 -18.45 -26.12 -7.59
C VAL B 289 -17.78 -27.38 -8.07
N PRO B 290 -17.23 -28.19 -7.13
CA PRO B 290 -16.57 -29.43 -7.54
C PRO B 290 -17.50 -30.65 -7.53
N PHE B 291 -17.26 -31.59 -8.44
CA PHE B 291 -18.05 -32.83 -8.50
C PHE B 291 -17.16 -33.97 -8.00
N TYR B 292 -16.12 -33.61 -7.25
CA TYR B 292 -15.18 -34.59 -6.73
C TYR B 292 -14.79 -34.18 -5.33
N GLY B 293 -14.23 -35.11 -4.56
CA GLY B 293 -13.83 -34.80 -3.20
C GLY B 293 -12.33 -34.94 -3.01
N ARG B 294 -11.82 -34.35 -1.93
CA ARG B 294 -10.39 -34.46 -1.62
C ARG B 294 -10.23 -35.23 -0.31
N ALA B 295 -9.37 -36.24 -0.34
CA ALA B 295 -9.16 -37.09 0.83
C ALA B 295 -7.77 -36.97 1.46
N PHE B 296 -7.73 -37.01 2.79
CA PHE B 296 -6.50 -36.92 3.57
C PHE B 296 -6.35 -38.19 4.43
N LYS B 297 -5.11 -38.63 4.67
CA LYS B 297 -4.87 -39.79 5.52
C LYS B 297 -4.18 -39.37 6.80
N GLY B 298 -4.20 -40.25 7.80
CA GLY B 298 -3.54 -39.96 9.06
C GLY B 298 -4.08 -38.77 9.81
N VAL B 299 -5.38 -38.56 9.77
CA VAL B 299 -5.95 -37.43 10.48
C VAL B 299 -6.19 -37.88 11.89
N SER B 300 -6.93 -37.10 12.66
CA SER B 300 -7.20 -37.48 14.05
C SER B 300 -8.64 -37.24 14.46
N GLY B 301 -9.12 -38.08 15.38
CA GLY B 301 -10.48 -37.95 15.88
C GLY B 301 -10.71 -36.57 16.45
N GLY B 302 -11.96 -36.26 16.77
CA GLY B 302 -12.29 -34.96 17.31
C GLY B 302 -12.70 -34.08 16.13
N ASN B 303 -13.86 -33.43 16.27
CA ASN B 303 -14.38 -32.57 15.22
C ASN B 303 -14.40 -33.27 13.86
N GLY B 304 -14.90 -34.49 13.85
CA GLY B 304 -15.00 -35.27 12.62
C GLY B 304 -13.80 -35.32 11.69
N GLY B 305 -12.59 -35.21 12.25
CA GLY B 305 -11.40 -35.26 11.39
C GLY B 305 -11.14 -33.95 10.67
N GLN B 306 -11.83 -32.89 11.10
CA GLN B 306 -11.67 -31.58 10.51
C GLN B 306 -10.52 -30.85 11.20
N TYR B 307 -9.93 -29.92 10.46
CA TYR B 307 -8.85 -29.10 10.97
C TYR B 307 -7.86 -29.88 11.82
N SER B 308 -7.34 -30.98 11.25
CA SER B 308 -6.38 -31.83 11.92
C SER B 308 -5.14 -32.02 11.03
N SER B 309 -4.01 -32.35 11.66
CA SER B 309 -2.78 -32.57 10.91
C SER B 309 -3.01 -33.85 10.14
N HIS B 310 -2.10 -34.21 9.26
CA HIS B 310 -2.25 -35.43 8.48
C HIS B 310 -0.92 -35.80 7.85
N SER B 311 -0.88 -36.95 7.20
CA SER B 311 0.34 -37.43 6.55
C SER B 311 0.10 -37.59 5.05
N THR B 312 -0.81 -36.78 4.52
CA THR B 312 -1.15 -36.85 3.11
C THR B 312 -0.06 -36.29 2.22
N PRO B 313 0.51 -37.13 1.35
CA PRO B 313 1.57 -36.69 0.43
C PRO B 313 1.07 -35.49 -0.38
N GLY B 314 1.95 -34.50 -0.59
CA GLY B 314 1.53 -33.32 -1.34
C GLY B 314 1.99 -33.25 -2.78
N GLU B 315 2.80 -34.21 -3.20
CA GLU B 315 3.33 -34.25 -4.56
C GLU B 315 2.28 -34.22 -5.66
N ASP B 316 2.75 -34.21 -6.89
CA ASP B 316 1.87 -34.18 -8.05
C ASP B 316 2.70 -34.63 -9.24
N PRO B 317 2.44 -35.84 -9.74
CA PRO B 317 1.43 -36.80 -9.27
C PRO B 317 1.73 -37.40 -7.90
N TYR B 318 0.85 -38.29 -7.45
CA TYR B 318 1.01 -38.99 -6.18
C TYR B 318 2.28 -39.82 -6.30
N PRO B 319 3.12 -39.82 -5.26
CA PRO B 319 4.36 -40.59 -5.36
C PRO B 319 4.28 -42.09 -5.02
N SER B 320 3.71 -42.43 -3.86
CA SER B 320 3.60 -43.81 -3.41
C SER B 320 2.67 -44.70 -4.25
N THR B 321 2.19 -45.80 -3.64
CA THR B 321 1.28 -46.71 -4.31
C THR B 321 0.29 -47.34 -3.34
N ASP B 322 0.45 -47.08 -2.04
CA ASP B 322 -0.50 -47.63 -1.08
C ASP B 322 -1.77 -46.78 -1.19
N TYR B 323 -2.86 -47.43 -1.59
CA TYR B 323 -4.12 -46.71 -1.79
C TYR B 323 -5.03 -46.75 -0.57
N TRP B 324 -4.52 -46.11 0.48
CA TRP B 324 -5.17 -46.02 1.77
C TRP B 324 -6.61 -45.51 1.79
N LEU B 325 -7.13 -45.07 0.65
CA LEU B 325 -8.52 -44.60 0.65
C LEU B 325 -9.43 -45.83 0.60
N VAL B 326 -10.03 -46.13 1.75
CA VAL B 326 -10.91 -47.28 1.95
C VAL B 326 -12.07 -47.43 0.98
N GLY B 327 -12.02 -48.50 0.20
CA GLY B 327 -13.08 -48.79 -0.75
C GLY B 327 -13.13 -47.94 -2.00
N CYS B 328 -12.01 -47.36 -2.40
CA CYS B 328 -11.98 -46.55 -3.61
C CYS B 328 -11.25 -47.31 -4.69
N GLU B 329 -12.00 -47.85 -5.63
CA GLU B 329 -11.42 -48.60 -6.71
C GLU B 329 -10.98 -47.67 -7.82
N GLU B 330 -11.61 -46.49 -7.87
CA GLU B 330 -11.31 -45.47 -8.88
C GLU B 330 -9.86 -45.02 -8.66
N CYS B 331 -9.51 -44.79 -7.39
CA CYS B 331 -8.18 -44.36 -6.99
C CYS B 331 -7.13 -45.30 -7.55
N VAL B 332 -7.28 -46.59 -7.26
CA VAL B 332 -6.34 -47.59 -7.76
C VAL B 332 -6.16 -47.48 -9.27
N ARG B 333 -7.27 -47.24 -9.98
CA ARG B 333 -7.21 -47.11 -11.42
C ARG B 333 -6.42 -45.88 -11.85
N ASP B 334 -6.71 -44.76 -11.20
CA ASP B 334 -6.07 -43.48 -11.50
C ASP B 334 -4.80 -43.17 -10.69
N LYS B 335 -4.54 -44.03 -9.70
CA LYS B 335 -3.35 -43.91 -8.85
C LYS B 335 -3.26 -42.67 -8.00
N ASP B 336 -4.33 -42.36 -7.28
CA ASP B 336 -4.30 -41.19 -6.43
C ASP B 336 -5.42 -41.26 -5.41
N PRO B 337 -5.10 -41.76 -4.21
CA PRO B 337 -6.07 -41.90 -3.12
C PRO B 337 -6.49 -40.55 -2.54
N ARG B 338 -5.99 -39.47 -3.13
CA ARG B 338 -6.28 -38.14 -2.63
C ARG B 338 -7.46 -37.46 -3.30
N ILE B 339 -7.90 -38.05 -4.41
CA ILE B 339 -9.01 -37.55 -5.22
C ILE B 339 -10.05 -38.64 -5.52
N ALA B 340 -11.33 -38.32 -5.36
CA ALA B 340 -12.41 -39.27 -5.65
C ALA B 340 -13.64 -38.54 -6.18
N SER B 341 -14.18 -39.02 -7.30
CA SER B 341 -15.36 -38.41 -7.91
C SER B 341 -16.58 -38.57 -7.02
N TYR B 342 -17.56 -37.69 -7.18
CA TYR B 342 -18.77 -37.82 -6.40
C TYR B 342 -19.29 -39.23 -6.61
N ARG B 343 -19.27 -39.67 -7.87
CA ARG B 343 -19.76 -41.00 -8.21
C ARG B 343 -19.14 -42.07 -7.33
N GLN B 344 -17.82 -42.14 -7.36
CA GLN B 344 -17.12 -43.15 -6.57
C GLN B 344 -17.34 -43.02 -5.07
N LEU B 345 -17.46 -41.79 -4.58
CA LEU B 345 -17.67 -41.56 -3.16
C LEU B 345 -19.01 -42.10 -2.72
N GLU B 346 -20.02 -41.90 -3.55
CA GLU B 346 -21.36 -42.38 -3.25
C GLU B 346 -21.31 -43.89 -3.07
N GLN B 347 -20.43 -44.55 -3.83
CA GLN B 347 -20.31 -46.00 -3.73
C GLN B 347 -19.52 -46.44 -2.50
N MET B 348 -18.80 -45.52 -1.88
CA MET B 348 -18.05 -45.87 -0.68
C MET B 348 -19.02 -45.81 0.49
N LEU B 349 -19.90 -44.82 0.47
CA LEU B 349 -20.89 -44.69 1.53
C LEU B 349 -21.82 -45.91 1.48
N GLN B 350 -22.30 -46.24 0.27
CA GLN B 350 -23.20 -47.37 0.05
C GLN B 350 -22.58 -48.72 0.41
N GLY B 351 -21.32 -48.72 0.84
CA GLY B 351 -20.66 -49.98 1.15
C GLY B 351 -20.38 -50.24 2.62
N ASN B 352 -20.84 -49.34 3.48
CA ASN B 352 -20.60 -49.48 4.92
C ASN B 352 -19.14 -49.66 5.26
N TYR B 353 -18.26 -49.28 4.33
CA TYR B 353 -16.81 -49.41 4.51
C TYR B 353 -16.27 -48.71 5.75
N GLY B 354 -17.15 -48.05 6.50
CA GLY B 354 -16.71 -47.35 7.71
C GLY B 354 -17.01 -45.86 7.73
N TYR B 355 -16.94 -45.23 6.55
CA TYR B 355 -17.20 -43.80 6.41
C TYR B 355 -18.49 -43.36 7.08
N GLN B 356 -18.49 -42.14 7.60
CA GLN B 356 -19.66 -41.54 8.25
C GLN B 356 -19.82 -40.20 7.55
N ARG B 357 -21.04 -39.89 7.11
CA ARG B 357 -21.28 -38.63 6.43
C ARG B 357 -21.66 -37.59 7.47
N LEU B 358 -20.81 -36.58 7.63
CA LEU B 358 -21.07 -35.52 8.57
C LEU B 358 -21.39 -34.22 7.85
N TRP B 359 -21.95 -33.27 8.59
CA TRP B 359 -22.35 -31.99 8.03
C TRP B 359 -21.89 -30.77 8.84
N ASN B 360 -21.11 -29.89 8.21
CA ASN B 360 -20.66 -28.68 8.89
C ASN B 360 -21.66 -27.58 8.57
N ASP B 361 -22.44 -27.19 9.57
CA ASP B 361 -23.47 -26.19 9.35
C ASP B 361 -23.04 -24.73 9.27
N LYS B 362 -21.73 -24.48 9.34
CA LYS B 362 -21.22 -23.10 9.23
C LYS B 362 -20.83 -22.93 7.76
N THR B 363 -20.07 -23.91 7.28
CA THR B 363 -19.62 -23.91 5.91
C THR B 363 -20.72 -24.39 4.96
N LYS B 364 -21.68 -25.13 5.49
CA LYS B 364 -22.80 -25.65 4.69
C LYS B 364 -22.24 -26.61 3.67
N THR B 365 -21.44 -27.54 4.18
CA THR B 365 -20.82 -28.55 3.33
C THR B 365 -20.66 -29.84 4.10
N PRO B 366 -20.68 -30.98 3.40
CA PRO B 366 -20.53 -32.29 4.03
C PRO B 366 -19.09 -32.78 3.97
N TYR B 367 -18.81 -33.83 4.73
CA TYR B 367 -17.48 -34.42 4.72
C TYR B 367 -17.56 -35.82 5.26
N LEU B 368 -16.72 -36.70 4.74
CA LEU B 368 -16.69 -38.05 5.21
C LEU B 368 -15.57 -38.15 6.24
N TYR B 369 -15.85 -38.83 7.36
CA TYR B 369 -14.84 -39.06 8.39
C TYR B 369 -14.78 -40.55 8.64
N HIS B 370 -13.59 -41.13 8.51
CA HIS B 370 -13.43 -42.55 8.75
C HIS B 370 -12.63 -42.73 10.03
N ALA B 371 -13.33 -42.65 11.16
CA ALA B 371 -12.69 -42.79 12.47
C ALA B 371 -11.70 -43.96 12.52
N GLN B 372 -12.14 -45.12 12.04
CA GLN B 372 -11.33 -46.32 12.06
C GLN B 372 -9.92 -46.16 11.54
N ASN B 373 -9.75 -45.66 10.32
CA ASN B 373 -8.42 -45.49 9.74
C ASN B 373 -7.87 -44.06 9.76
N GLY B 374 -8.63 -43.14 10.34
CA GLY B 374 -8.20 -41.75 10.39
C GLY B 374 -8.17 -41.07 9.02
N LEU B 375 -9.30 -41.14 8.31
CA LEU B 375 -9.41 -40.53 6.98
C LEU B 375 -10.44 -39.40 7.00
N PHE B 376 -10.20 -38.40 6.17
CA PHE B 376 -11.08 -37.24 6.03
C PHE B 376 -11.26 -36.94 4.55
N VAL B 377 -12.49 -36.59 4.17
CA VAL B 377 -12.77 -36.25 2.79
C VAL B 377 -13.68 -35.04 2.73
N THR B 378 -13.31 -34.08 1.91
CA THR B 378 -14.12 -32.88 1.75
C THR B 378 -14.69 -32.92 0.35
N TYR B 379 -16.00 -32.71 0.24
CA TYR B 379 -16.64 -32.77 -1.06
C TYR B 379 -17.96 -32.03 -0.98
N ASP B 380 -18.64 -31.94 -2.13
CA ASP B 380 -19.94 -31.28 -2.22
C ASP B 380 -21.04 -32.27 -2.69
N ASP B 381 -22.28 -31.97 -2.34
CA ASP B 381 -23.40 -32.81 -2.76
C ASP B 381 -24.66 -31.98 -2.95
N ALA B 382 -25.72 -32.65 -3.38
CA ALA B 382 -26.98 -31.98 -3.65
C ALA B 382 -27.44 -31.07 -2.51
N GLU B 383 -27.02 -31.38 -1.29
CA GLU B 383 -27.42 -30.58 -0.13
C GLU B 383 -26.65 -29.24 -0.06
N SER B 384 -25.34 -29.28 -0.19
CA SER B 384 -24.59 -28.04 -0.14
C SER B 384 -24.99 -27.17 -1.36
N PHE B 385 -25.46 -27.82 -2.41
CA PHE B 385 -25.84 -27.07 -3.61
C PHE B 385 -27.07 -26.21 -3.39
N LYS B 386 -27.87 -26.51 -2.38
CA LYS B 386 -29.03 -25.69 -2.15
C LYS B 386 -28.57 -24.34 -1.63
N TYR B 387 -27.56 -24.36 -0.76
CA TYR B 387 -27.07 -23.11 -0.21
C TYR B 387 -26.33 -22.33 -1.28
N LYS B 388 -25.45 -23.00 -2.04
CA LYS B 388 -24.71 -22.31 -3.08
C LYS B 388 -25.66 -21.80 -4.16
N ALA B 389 -26.67 -22.60 -4.48
CA ALA B 389 -27.66 -22.19 -5.47
C ALA B 389 -28.41 -20.92 -5.00
N LYS B 390 -28.81 -20.88 -3.73
CA LYS B 390 -29.53 -19.74 -3.18
C LYS B 390 -28.62 -18.50 -3.10
N TYR B 391 -27.37 -18.73 -2.73
CA TYR B 391 -26.35 -17.65 -2.66
C TYR B 391 -26.25 -17.01 -4.07
N ILE B 392 -26.21 -17.86 -5.09
CA ILE B 392 -26.15 -17.43 -6.48
C ILE B 392 -27.34 -16.55 -6.83
N LYS B 393 -28.52 -16.96 -6.37
CA LYS B 393 -29.73 -16.20 -6.63
C LYS B 393 -29.72 -14.88 -5.84
N GLN B 394 -29.36 -14.96 -4.56
CA GLN B 394 -29.32 -13.77 -3.71
C GLN B 394 -28.27 -12.73 -4.15
N GLN B 395 -27.12 -13.21 -4.59
CA GLN B 395 -26.06 -12.29 -5.02
C GLN B 395 -26.21 -11.88 -6.48
N GLN B 396 -27.27 -12.33 -7.13
CA GLN B 396 -27.49 -12.00 -8.52
C GLN B 396 -26.27 -12.36 -9.42
N LEU B 397 -25.72 -13.55 -9.20
CA LEU B 397 -24.57 -14.02 -9.98
C LEU B 397 -25.09 -14.58 -11.31
N GLY B 398 -24.18 -14.82 -12.24
CA GLY B 398 -24.58 -15.31 -13.53
C GLY B 398 -25.11 -16.72 -13.57
N GLY B 399 -24.58 -17.57 -12.70
CA GLY B 399 -24.97 -18.97 -12.70
C GLY B 399 -23.93 -19.82 -11.98
N VAL B 400 -23.91 -21.11 -12.27
CA VAL B 400 -22.95 -21.99 -11.60
C VAL B 400 -22.15 -22.72 -12.66
N MET B 401 -20.97 -23.19 -12.28
CA MET B 401 -20.08 -23.92 -13.17
C MET B 401 -19.57 -25.09 -12.32
N PHE B 402 -19.10 -26.16 -12.96
CA PHE B 402 -18.59 -27.28 -12.17
C PHE B 402 -17.58 -28.14 -12.88
N TRP B 403 -16.67 -28.68 -12.08
CA TRP B 403 -15.62 -29.55 -12.56
C TRP B 403 -15.77 -30.92 -11.87
N HIS B 404 -16.10 -31.96 -12.63
CA HIS B 404 -16.50 -31.82 -14.04
C HIS B 404 -17.62 -32.85 -14.31
N LEU B 405 -18.35 -32.68 -15.40
CA LEU B 405 -19.48 -33.57 -15.73
C LEU B 405 -19.21 -35.06 -15.52
N GLY B 406 -18.08 -35.55 -16.02
CA GLY B 406 -17.75 -36.96 -15.90
C GLY B 406 -17.60 -37.51 -14.48
N GLN B 407 -17.79 -36.68 -13.47
CA GLN B 407 -17.66 -37.16 -12.09
C GLN B 407 -19.01 -37.26 -11.34
N ASP B 408 -20.11 -37.01 -12.05
CA ASP B 408 -21.45 -37.09 -11.46
C ASP B 408 -21.80 -38.59 -11.39
N ASN B 409 -22.80 -38.97 -10.59
CA ASN B 409 -23.14 -40.39 -10.57
C ASN B 409 -23.88 -40.70 -11.87
N ARG B 410 -24.16 -41.98 -12.12
CA ARG B 410 -24.83 -42.38 -13.37
C ARG B 410 -26.19 -41.74 -13.59
N ASN B 411 -26.95 -41.53 -12.53
CA ASN B 411 -28.26 -40.90 -12.68
C ASN B 411 -28.13 -39.41 -12.86
N GLY B 412 -26.92 -38.90 -12.77
CA GLY B 412 -26.68 -37.49 -12.91
C GLY B 412 -27.38 -36.66 -11.85
N ASP B 413 -27.26 -37.08 -10.59
CA ASP B 413 -27.89 -36.37 -9.48
C ASP B 413 -27.44 -34.93 -9.20
N LEU B 414 -26.12 -34.70 -9.22
CA LEU B 414 -25.59 -33.36 -8.95
C LEU B 414 -26.05 -32.31 -9.96
N LEU B 415 -25.99 -32.65 -11.25
CA LEU B 415 -26.44 -31.72 -12.29
C LEU B 415 -27.94 -31.49 -12.16
N ALA B 416 -28.68 -32.59 -12.00
CA ALA B 416 -30.12 -32.48 -11.86
C ALA B 416 -30.45 -31.56 -10.68
N ALA B 417 -29.69 -31.67 -9.61
CA ALA B 417 -29.96 -30.85 -8.43
C ALA B 417 -29.80 -29.36 -8.76
N LEU B 418 -28.70 -29.02 -9.44
CA LEU B 418 -28.41 -27.66 -9.84
C LEU B 418 -29.56 -27.10 -10.68
N ASP B 419 -29.91 -27.83 -11.74
CA ASP B 419 -31.00 -27.40 -12.59
C ASP B 419 -32.29 -27.28 -11.76
N ARG B 420 -32.48 -28.18 -10.80
CA ARG B 420 -33.68 -28.14 -9.99
C ARG B 420 -33.80 -26.87 -9.17
N TYR B 421 -32.72 -26.50 -8.48
CA TYR B 421 -32.79 -25.33 -7.62
C TYR B 421 -32.98 -24.03 -8.34
N PHE B 422 -32.63 -24.00 -9.61
CA PHE B 422 -32.82 -22.78 -10.38
C PHE B 422 -34.15 -22.76 -11.14
N ASN B 423 -34.61 -23.89 -11.63
CA ASN B 423 -35.82 -23.83 -12.43
C ASN B 423 -37.08 -24.60 -12.06
N ALA B 424 -36.97 -25.59 -11.17
CA ALA B 424 -38.15 -26.39 -10.83
C ALA B 424 -39.25 -25.62 -10.15
N ALA B 425 -40.43 -25.64 -10.77
CA ALA B 425 -41.57 -24.97 -10.17
C ALA B 425 -41.90 -25.65 -8.83
N ASP B 426 -41.64 -26.95 -8.69
CA ASP B 426 -41.92 -27.58 -7.41
C ASP B 426 -40.80 -27.55 -6.34
N TYR B 427 -39.81 -26.67 -6.51
CA TYR B 427 -38.76 -26.53 -5.51
C TYR B 427 -38.83 -25.12 -4.90
N ASP B 428 -38.91 -25.04 -3.57
CA ASP B 428 -39.05 -23.74 -2.89
C ASP B 428 -38.03 -23.56 -1.78
N ASP B 429 -37.03 -22.71 -2.00
CA ASP B 429 -35.97 -22.46 -1.02
C ASP B 429 -36.11 -21.09 -0.35
N SER B 430 -37.31 -20.53 -0.41
CA SER B 430 -37.59 -19.21 0.16
C SER B 430 -37.36 -19.20 1.67
N GLN B 431 -37.34 -20.36 2.30
CA GLN B 431 -37.13 -20.43 3.73
C GLN B 431 -35.82 -21.14 4.08
N LEU B 432 -35.02 -21.49 3.08
CA LEU B 432 -33.76 -22.17 3.37
C LEU B 432 -32.91 -21.23 4.22
N ASP B 433 -32.37 -21.74 5.33
CA ASP B 433 -31.58 -20.86 6.18
C ASP B 433 -30.09 -20.95 5.94
N MET B 434 -29.53 -19.83 5.49
CA MET B 434 -28.12 -19.72 5.16
C MET B 434 -27.09 -19.92 6.28
N GLY B 435 -27.54 -19.89 7.55
CA GLY B 435 -26.62 -20.10 8.66
C GLY B 435 -25.91 -18.88 9.20
N THR B 436 -24.98 -19.12 10.14
CA THR B 436 -24.24 -18.02 10.75
C THR B 436 -22.73 -18.10 10.50
N GLY B 437 -22.34 -18.81 9.43
CA GLY B 437 -20.93 -18.91 9.12
C GLY B 437 -20.37 -17.54 8.79
N LEU B 438 -19.06 -17.39 8.86
CA LEU B 438 -18.43 -16.09 8.59
C LEU B 438 -18.49 -15.59 7.15
N ARG B 439 -19.02 -14.37 6.97
CA ARG B 439 -19.10 -13.71 5.66
C ARG B 439 -17.84 -12.83 5.48
N TYR B 440 -17.48 -12.58 4.21
CA TYR B 440 -16.34 -11.74 3.89
C TYR B 440 -16.80 -10.28 3.97
N THR B 441 -16.18 -9.49 4.84
CA THR B 441 -16.58 -8.10 5.08
C THR B 441 -15.87 -6.95 4.32
N GLY B 442 -14.77 -7.26 3.65
CA GLY B 442 -14.02 -6.23 2.94
C GLY B 442 -14.79 -5.19 2.15
N VAL B 443 -14.28 -3.97 2.19
CA VAL B 443 -14.88 -2.86 1.47
C VAL B 443 -13.85 -2.34 0.48
N GLY B 444 -14.30 -2.10 -0.75
CA GLY B 444 -13.41 -1.59 -1.78
C GLY B 444 -14.12 -0.55 -2.61
N PRO B 445 -13.52 -0.10 -3.72
CA PRO B 445 -14.20 0.90 -4.54
C PRO B 445 -15.42 0.41 -5.34
N GLY B 446 -15.59 -0.91 -5.45
CA GLY B 446 -16.70 -1.45 -6.21
C GLY B 446 -17.99 -1.76 -5.45
N ASN B 447 -17.93 -1.74 -4.13
CA ASN B 447 -19.10 -2.00 -3.32
C ASN B 447 -19.25 -0.87 -2.29
N LEU B 448 -18.91 0.34 -2.71
CA LEU B 448 -19.00 1.52 -1.86
C LEU B 448 -20.49 1.87 -1.74
N PRO B 449 -21.06 1.72 -0.53
CA PRO B 449 -22.48 2.01 -0.32
C PRO B 449 -22.90 3.47 -0.55
N ILE B 450 -24.20 3.67 -0.73
CA ILE B 450 -24.73 5.03 -0.88
C ILE B 450 -24.72 5.56 0.57
N MET B 451 -24.33 6.81 0.75
CA MET B 451 -24.28 7.39 2.08
C MET B 451 -24.63 8.84 2.00
N THR B 452 -24.90 9.43 3.17
CA THR B 452 -25.30 10.84 3.25
C THR B 452 -24.50 11.60 4.31
N ALA B 453 -24.09 12.82 3.99
CA ALA B 453 -23.33 13.61 4.94
C ALA B 453 -23.37 15.11 4.62
N PRO B 454 -23.23 15.95 5.66
CA PRO B 454 -23.24 17.40 5.44
C PRO B 454 -22.10 17.70 4.46
N ALA B 455 -22.30 18.66 3.54
CA ALA B 455 -21.24 18.99 2.59
C ALA B 455 -20.01 19.56 3.27
N TYR B 456 -18.85 19.37 2.64
CA TYR B 456 -17.58 19.88 3.15
C TYR B 456 -17.62 21.40 3.11
N VAL B 457 -17.07 22.04 4.14
CA VAL B 457 -17.05 23.50 4.21
C VAL B 457 -15.63 24.04 4.34
N PRO B 458 -15.11 24.68 3.27
CA PRO B 458 -13.76 25.26 3.27
C PRO B 458 -13.53 26.11 4.52
N GLY B 459 -12.38 25.90 5.16
CA GLY B 459 -12.06 26.66 6.35
C GLY B 459 -12.66 26.13 7.64
N THR B 460 -13.13 24.90 7.64
CA THR B 460 -13.69 24.31 8.85
C THR B 460 -12.66 23.31 9.35
N THR B 461 -12.60 23.13 10.66
CA THR B 461 -11.65 22.21 11.26
C THR B 461 -12.36 20.93 11.67
N TYR B 462 -11.99 19.83 11.01
CA TYR B 462 -12.59 18.54 11.27
C TYR B 462 -11.73 17.63 12.15
N ALA B 463 -12.40 16.89 13.03
CA ALA B 463 -11.77 15.94 13.93
C ALA B 463 -11.62 14.61 13.18
N GLN B 464 -10.81 13.73 13.76
CA GLN B 464 -10.57 12.40 13.19
C GLN B 464 -11.88 11.61 13.16
N GLY B 465 -12.27 11.13 11.97
CA GLY B 465 -13.50 10.37 11.84
C GLY B 465 -14.69 11.17 11.32
N ALA B 466 -14.51 12.46 11.10
CA ALA B 466 -15.60 13.29 10.60
C ALA B 466 -16.04 12.84 9.20
N LEU B 467 -17.34 12.98 8.93
CA LEU B 467 -17.93 12.60 7.65
C LEU B 467 -18.45 13.83 6.90
N VAL B 468 -18.05 13.97 5.64
CA VAL B 468 -18.53 15.10 4.85
C VAL B 468 -18.77 14.56 3.47
N SER B 469 -19.56 15.28 2.68
CA SER B 469 -19.82 14.87 1.32
C SER B 469 -19.12 15.93 0.50
N TYR B 470 -18.49 15.49 -0.59
CA TYR B 470 -17.76 16.37 -1.45
C TYR B 470 -17.48 15.71 -2.79
N GLN B 471 -17.76 16.47 -3.85
CA GLN B 471 -17.56 16.04 -5.22
C GLN B 471 -17.98 14.60 -5.50
N GLY B 472 -19.21 14.23 -5.12
CA GLY B 472 -19.69 12.90 -5.41
C GLY B 472 -19.49 11.79 -4.39
N TYR B 473 -18.69 12.05 -3.36
CA TYR B 473 -18.46 11.02 -2.35
C TYR B 473 -18.63 11.49 -0.92
N VAL B 474 -18.84 10.52 -0.03
CA VAL B 474 -18.92 10.82 1.40
C VAL B 474 -17.54 10.34 1.84
N TRP B 475 -16.81 11.22 2.52
CA TRP B 475 -15.46 10.93 2.96
C TRP B 475 -15.36 10.94 4.46
N GLN B 476 -14.33 10.28 4.97
CA GLN B 476 -14.10 10.24 6.40
C GLN B 476 -12.61 10.58 6.61
N THR B 477 -12.30 11.45 7.59
CA THR B 477 -10.91 11.83 7.88
C THR B 477 -10.25 10.66 8.60
N LYS B 478 -9.03 10.31 8.20
CA LYS B 478 -8.34 9.18 8.84
C LYS B 478 -7.65 9.64 10.13
N TRP B 479 -7.46 10.95 10.27
CA TRP B 479 -6.84 11.53 11.47
C TRP B 479 -7.20 13.02 11.50
N GLY B 480 -6.93 13.70 12.62
CA GLY B 480 -7.24 15.11 12.68
C GLY B 480 -6.28 15.85 13.60
N TYR B 481 -6.52 17.15 13.83
CA TYR B 481 -7.61 17.91 13.20
C TYR B 481 -7.13 18.44 11.84
N ILE B 482 -8.00 18.47 10.83
CA ILE B 482 -7.59 18.98 9.53
C ILE B 482 -8.58 19.94 8.87
N THR B 483 -8.06 20.79 8.00
CA THR B 483 -8.84 21.79 7.28
C THR B 483 -8.78 21.56 5.78
N SER B 484 -8.03 20.54 5.35
CA SER B 484 -7.89 20.24 3.93
C SER B 484 -9.17 19.72 3.28
N ALA B 485 -9.29 19.97 1.97
CA ALA B 485 -10.45 19.53 1.20
C ALA B 485 -10.31 18.05 0.86
N PRO B 486 -11.41 17.27 0.97
CA PRO B 486 -11.34 15.82 0.66
C PRO B 486 -10.74 15.55 -0.73
N GLY B 487 -9.71 14.71 -0.79
CA GLY B 487 -9.10 14.40 -2.06
C GLY B 487 -7.90 15.29 -2.40
N SER B 488 -7.66 16.33 -1.61
CA SER B 488 -6.53 17.25 -1.85
C SER B 488 -5.21 16.74 -1.30
N ASP B 489 -5.27 15.70 -0.46
CA ASP B 489 -4.06 15.12 0.12
C ASP B 489 -4.33 13.65 0.37
N SER B 490 -3.85 13.12 1.49
CA SER B 490 -4.09 11.73 1.79
C SER B 490 -4.76 11.53 3.15
N ALA B 491 -5.35 12.59 3.69
CA ALA B 491 -5.98 12.50 5.00
C ALA B 491 -7.43 12.05 4.98
N TRP B 492 -8.03 12.02 3.79
CA TRP B 492 -9.43 11.65 3.65
C TRP B 492 -9.64 10.32 2.97
N LEU B 493 -10.64 9.57 3.47
CA LEU B 493 -10.98 8.25 2.95
C LEU B 493 -12.41 8.19 2.39
N LYS B 494 -12.56 7.78 1.12
CA LYS B 494 -13.88 7.64 0.49
C LYS B 494 -14.57 6.47 1.17
N VAL B 495 -15.74 6.69 1.76
CA VAL B 495 -16.44 5.60 2.40
C VAL B 495 -17.80 5.33 1.78
N GLY B 496 -18.29 6.27 0.97
CA GLY B 496 -19.58 6.10 0.36
C GLY B 496 -19.81 6.98 -0.85
N ARG B 497 -20.88 6.66 -1.59
CA ARG B 497 -21.25 7.40 -2.78
C ARG B 497 -22.46 8.31 -2.51
N VAL B 498 -22.38 9.53 -2.99
CA VAL B 498 -23.44 10.53 -2.86
C VAL B 498 -24.53 10.16 -3.88
N ALA B 499 -25.80 10.20 -3.47
CA ALA B 499 -26.90 9.86 -4.37
C ALA B 499 -27.19 10.94 -5.40
#